data_7ENU
#
_entry.id   7ENU
#
_cell.length_a   155.670
_cell.length_b   82.027
_cell.length_c   112.137
_cell.angle_alpha   90.000
_cell.angle_beta   129.624
_cell.angle_gamma   90.000
#
_symmetry.space_group_name_H-M   'C 1 2 1'
#
loop_
_entity.id
_entity.type
_entity.pdbx_description
1 polymer Lactotransferrin
2 branched 2-acetamido-2-deoxy-beta-D-glucopyranose-(1-4)-2-acetamido-2-deoxy-beta-D-glucopyranose
3 branched beta-D-mannopyranose-(1-4)-2-acetamido-2-deoxy-beta-D-glucopyranose-(1-4)-2-acetamido-2-deoxy-beta-D-glucopyranose
4 branched alpha-D-mannopyranose-(1-4)-beta-D-mannopyranose-(1-4)-2-acetamido-2-deoxy-beta-D-glucopyranose-(1-4)-2-acetamido-2-deoxy-beta-D-glucopyranose
5 branched alpha-D-mannopyranose-(1-3)-alpha-D-mannopyranose-(1-4)-beta-D-mannopyranose-(1-4)-2-acetamido-2-deoxy-beta-D-glucopyranose-(1-4)-2-acetamido-2-deoxy-beta-D-glucopyranose
6 non-polymer 'FE (III) ION'
7 non-polymer 'CARBONATE ION'
8 water water
#
_entity_poly.entity_id   1
_entity_poly.type   'polypeptide(L)'
_entity_poly.pdbx_seq_one_letter_code
;YTRVVWCAVGPEEQKKCQQWSQQSGQNVTCATASTTDDCIVLVLKGEADALNLDGGYIYTAGKCGLVPVLAENRKSSKHS
SLDCVLRPTEGYLAVAVVKKANEGLTWNSLKDKKSCHTAVDRTAGWNIPMGLIVNQTGSCAFDEFFSQSCAPGADPKSRL
CALCAGDDQGLDKCVPNSKEKYYGYTGAFRCLAEDVGDVAFVKNDTVWENTNGESTADWAKNLNREDFRLLCLDGTRKPV
TEAQSCHLAVAPNHAVVSRSDRAAHVKQVLLHQQALFGKNGKNCPDKFCLFKSETKNLLFNDNTECLAKLGGRPTYEEYL
GTEYVTAIANLKKCSTSPLLEACAFLTR
;
_entity_poly.pdbx_strand_id   A,B
#
loop_
_chem_comp.id
_chem_comp.type
_chem_comp.name
_chem_comp.formula
BMA D-saccharide, beta linking beta-D-mannopyranose 'C6 H12 O6'
CO3 non-polymer 'CARBONATE ION' 'C O3 -2'
FE non-polymer 'FE (III) ION' 'Fe 3'
MAN D-saccharide, alpha linking alpha-D-mannopyranose 'C6 H12 O6'
NAG D-saccharide, beta linking 2-acetamido-2-deoxy-beta-D-glucopyranose 'C8 H15 N O6'
#
# COMPACT_ATOMS: atom_id res chain seq x y z
N TYR A 1 -11.02 1.58 -5.62
CA TYR A 1 -9.66 1.39 -5.04
C TYR A 1 -8.67 1.14 -6.15
N THR A 2 -7.81 2.11 -6.44
CA THR A 2 -6.89 2.03 -7.60
C THR A 2 -5.66 1.18 -7.22
N ARG A 3 -5.25 1.13 -5.94
CA ARG A 3 -4.14 0.27 -5.47
C ARG A 3 -4.42 -1.16 -5.89
N VAL A 4 -3.39 -1.86 -6.38
CA VAL A 4 -3.38 -3.34 -6.54
C VAL A 4 -2.67 -3.97 -5.34
N VAL A 5 -3.36 -4.83 -4.60
CA VAL A 5 -2.81 -5.46 -3.36
C VAL A 5 -2.17 -6.77 -3.80
N TRP A 6 -0.85 -6.83 -3.73
CA TRP A 6 -0.07 -8.02 -4.11
C TRP A 6 0.03 -8.92 -2.87
N CYS A 7 -0.06 -10.23 -3.04
CA CYS A 7 0.15 -11.20 -1.93
C CYS A 7 1.55 -11.79 -2.02
N ALA A 8 2.43 -11.35 -1.13
CA ALA A 8 3.77 -11.89 -0.84
C ALA A 8 3.65 -13.14 0.02
N VAL A 9 4.31 -14.23 -0.39
CA VAL A 9 4.38 -15.50 0.40
C VAL A 9 5.69 -15.45 1.19
N GLY A 10 5.56 -15.21 2.50
CA GLY A 10 6.69 -15.26 3.43
C GLY A 10 7.40 -13.93 3.50
N PRO A 11 8.22 -13.72 4.56
CA PRO A 11 8.80 -12.41 4.85
C PRO A 11 9.82 -11.89 3.83
N GLU A 12 10.50 -12.75 3.09
CA GLU A 12 11.48 -12.24 2.10
C GLU A 12 10.69 -11.59 0.97
N GLU A 13 9.59 -12.21 0.53
CA GLU A 13 8.74 -11.62 -0.52
C GLU A 13 8.15 -10.31 0.01
N GLN A 14 7.72 -10.27 1.28
CA GLN A 14 7.13 -9.06 1.90
C GLN A 14 8.11 -7.88 1.75
N LYS A 15 9.37 -8.04 2.13
CA LYS A 15 10.40 -6.97 2.01
C LYS A 15 10.43 -6.49 0.54
N LYS A 16 10.42 -7.41 -0.43
CA LYS A 16 10.48 -6.98 -1.85
C LYS A 16 9.19 -6.23 -2.21
N CYS A 17 8.05 -6.71 -1.74
CA CYS A 17 6.74 -6.08 -2.08
C CYS A 17 6.63 -4.69 -1.42
N GLN A 18 7.12 -4.50 -0.19
CA GLN A 18 7.19 -3.17 0.46
C GLN A 18 8.01 -2.20 -0.38
N GLN A 19 9.23 -2.58 -0.79
CA GLN A 19 10.03 -1.77 -1.74
C GLN A 19 9.17 -1.42 -2.96
N TRP A 20 8.51 -2.43 -3.53
CA TRP A 20 7.71 -2.26 -4.78
C TRP A 20 6.60 -1.23 -4.54
N SER A 21 5.91 -1.33 -3.40
CA SER A 21 4.80 -0.41 -3.04
C SER A 21 5.37 1.00 -3.09
N GLN A 22 6.47 1.21 -2.36
CA GLN A 22 7.10 2.55 -2.13
C GLN A 22 7.52 3.21 -3.44
N GLN A 23 8.22 2.48 -4.30
CA GLN A 23 8.71 2.99 -5.60
C GLN A 23 7.54 3.09 -6.60
N SER A 24 6.45 2.35 -6.42
CA SER A 24 5.27 2.47 -7.31
C SER A 24 4.34 3.60 -6.86
N GLY A 25 4.68 4.32 -5.78
CA GLY A 25 3.79 5.27 -5.07
C GLY A 25 2.43 4.66 -4.78
N GLN A 26 2.38 3.46 -4.21
CA GLN A 26 1.15 2.73 -3.76
C GLN A 26 0.23 2.40 -4.96
N ASN A 27 0.78 2.39 -6.17
CA ASN A 27 0.07 1.79 -7.33
C ASN A 27 -0.12 0.31 -6.98
N VAL A 28 0.79 -0.19 -6.15
CA VAL A 28 0.82 -1.59 -5.62
C VAL A 28 1.01 -1.50 -4.09
N THR A 29 0.50 -2.50 -3.37
CA THR A 29 0.31 -2.61 -1.90
C THR A 29 0.61 -4.08 -1.56
N CYS A 30 0.87 -4.36 -0.30
CA CYS A 30 1.34 -5.69 0.10
C CYS A 30 0.40 -6.24 1.18
N ALA A 31 -0.14 -7.41 0.90
CA ALA A 31 -0.64 -8.35 1.92
C ALA A 31 0.30 -9.57 1.93
N THR A 32 0.36 -10.30 3.03
CA THR A 32 1.29 -11.44 3.16
C THR A 32 0.64 -12.59 3.91
N ALA A 33 1.12 -13.80 3.64
CA ALA A 33 0.80 -15.00 4.41
C ALA A 33 1.99 -15.94 4.29
N SER A 34 1.99 -17.01 5.08
CA SER A 34 3.13 -17.94 5.15
C SER A 34 3.16 -18.84 3.94
N THR A 35 2.03 -19.07 3.27
CA THR A 35 1.94 -20.09 2.23
C THR A 35 1.15 -19.54 1.06
N THR A 36 1.35 -20.18 -0.08
CA THR A 36 0.68 -19.82 -1.34
C THR A 36 -0.80 -20.05 -1.16
N ASP A 37 -1.19 -21.20 -0.60
CA ASP A 37 -2.62 -21.52 -0.34
C ASP A 37 -3.30 -20.39 0.47
N ASP A 38 -2.72 -19.95 1.57
CA ASP A 38 -3.26 -18.86 2.41
C ASP A 38 -3.43 -17.62 1.54
N CYS A 39 -2.45 -17.31 0.69
CA CYS A 39 -2.50 -16.12 -0.22
C CYS A 39 -3.66 -16.28 -1.21
N ILE A 40 -3.93 -17.50 -1.68
CA ILE A 40 -5.07 -17.74 -2.62
C ILE A 40 -6.35 -17.47 -1.82
N VAL A 41 -6.37 -17.75 -0.52
CA VAL A 41 -7.58 -17.45 0.30
C VAL A 41 -7.73 -15.93 0.38
N LEU A 42 -6.64 -15.20 0.63
CA LEU A 42 -6.67 -13.72 0.70
C LEU A 42 -7.28 -13.14 -0.57
N VAL A 43 -6.82 -13.60 -1.73
CA VAL A 43 -7.32 -13.09 -3.03
C VAL A 43 -8.81 -13.42 -3.20
N LEU A 44 -9.21 -14.64 -2.87
CA LEU A 44 -10.64 -15.08 -2.89
C LEU A 44 -11.48 -14.11 -2.07
N LYS A 45 -11.00 -13.71 -0.90
CA LYS A 45 -11.84 -12.90 0.02
C LYS A 45 -11.67 -11.40 -0.29
N GLY A 46 -10.87 -11.03 -1.29
CA GLY A 46 -10.65 -9.63 -1.69
C GLY A 46 -9.73 -8.87 -0.75
N GLU A 47 -9.05 -9.54 0.19
CA GLU A 47 -8.05 -8.90 1.09
C GLU A 47 -6.74 -8.69 0.33
N ALA A 48 -6.53 -9.41 -0.76
CA ALA A 48 -5.43 -9.15 -1.70
C ALA A 48 -6.04 -9.27 -3.09
N ASP A 49 -5.33 -8.87 -4.12
CA ASP A 49 -5.86 -8.80 -5.50
C ASP A 49 -5.16 -9.79 -6.41
N ALA A 50 -3.85 -9.95 -6.31
CA ALA A 50 -3.15 -10.82 -7.27
C ALA A 50 -1.84 -11.37 -6.69
N LEU A 51 -1.37 -12.44 -7.32
CA LEU A 51 0.02 -12.89 -7.11
C LEU A 51 0.40 -13.80 -8.27
N ASN A 52 1.71 -14.02 -8.42
CA ASN A 52 2.32 -14.85 -9.49
C ASN A 52 2.47 -16.28 -8.95
N LEU A 53 1.87 -17.25 -9.64
CA LEU A 53 1.69 -18.64 -9.19
C LEU A 53 2.36 -19.62 -10.17
N ASP A 54 2.97 -20.70 -9.63
CA ASP A 54 3.32 -21.92 -10.39
C ASP A 54 2.03 -22.54 -10.90
N GLY A 55 2.07 -23.18 -12.07
CA GLY A 55 0.89 -23.77 -12.75
C GLY A 55 0.10 -24.72 -11.87
N GLY A 56 0.76 -25.40 -10.93
CA GLY A 56 0.11 -26.32 -9.96
C GLY A 56 -0.82 -25.55 -9.05
N TYR A 57 -0.33 -24.45 -8.49
CA TYR A 57 -1.09 -23.47 -7.69
C TYR A 57 -2.13 -22.76 -8.56
N ILE A 58 -1.89 -22.52 -9.84
CA ILE A 58 -2.91 -21.89 -10.76
C ILE A 58 -4.16 -22.79 -10.84
N TYR A 59 -3.97 -24.11 -10.74
CA TYR A 59 -5.05 -25.12 -10.78
C TYR A 59 -5.90 -24.97 -9.51
N THR A 60 -5.28 -24.80 -8.33
CA THR A 60 -5.97 -24.56 -7.04
C THR A 60 -6.74 -23.25 -7.13
N ALA A 61 -6.10 -22.17 -7.56
CA ALA A 61 -6.74 -20.85 -7.72
C ALA A 61 -7.90 -20.97 -8.73
N GLY A 62 -7.71 -21.67 -9.85
CA GLY A 62 -8.76 -21.84 -10.88
C GLY A 62 -10.01 -22.51 -10.35
N LYS A 63 -9.86 -23.60 -9.60
CA LYS A 63 -10.94 -24.34 -8.95
C LYS A 63 -11.71 -23.46 -7.95
N CYS A 64 -11.01 -22.52 -7.31
CA CYS A 64 -11.58 -21.51 -6.40
C CYS A 64 -12.03 -20.24 -7.17
N GLY A 65 -11.99 -20.25 -8.50
CA GLY A 65 -12.65 -19.27 -9.37
C GLY A 65 -11.72 -18.14 -9.79
N LEU A 66 -10.44 -18.16 -9.44
CA LEU A 66 -9.51 -17.08 -9.85
C LEU A 66 -9.14 -17.33 -11.32
N VAL A 67 -8.67 -16.32 -12.05
CA VAL A 67 -8.32 -16.43 -13.50
C VAL A 67 -6.89 -16.00 -13.72
N PRO A 68 -6.21 -16.56 -14.76
CA PRO A 68 -4.86 -16.12 -15.14
C PRO A 68 -4.99 -14.76 -15.82
N VAL A 69 -3.97 -13.92 -15.65
CA VAL A 69 -3.96 -12.49 -16.07
C VAL A 69 -2.81 -12.26 -17.07
N LEU A 70 -1.57 -12.47 -16.64
CA LEU A 70 -0.33 -12.36 -17.46
C LEU A 70 0.58 -13.52 -17.11
N ALA A 71 1.33 -14.03 -18.08
CA ALA A 71 2.28 -15.16 -17.93
C ALA A 71 3.71 -14.63 -17.91
N GLU A 72 4.60 -15.23 -17.12
CA GLU A 72 6.06 -14.94 -17.19
C GLU A 72 6.60 -15.38 -18.56
N ASN A 73 7.43 -14.56 -19.19
CA ASN A 73 8.17 -14.91 -20.45
C ASN A 73 9.67 -14.76 -20.18
N ARG A 74 10.44 -15.79 -20.52
CA ARG A 74 11.91 -15.77 -20.30
C ARG A 74 12.57 -15.49 -21.65
N LYS A 75 13.87 -15.13 -21.65
CA LYS A 75 14.69 -15.00 -22.88
C LYS A 75 14.44 -16.24 -23.75
N SER A 76 13.88 -16.06 -24.94
CA SER A 76 13.60 -17.16 -25.90
C SER A 76 14.92 -17.78 -26.36
N SER A 77 14.89 -19.04 -26.78
CA SER A 77 16.05 -19.73 -27.38
C SER A 77 16.28 -19.15 -28.77
N LYS A 78 15.21 -19.06 -29.58
CA LYS A 78 15.25 -18.58 -30.99
C LYS A 78 15.34 -17.04 -31.04
N HIS A 79 15.13 -16.47 -32.23
CA HIS A 79 15.03 -15.00 -32.46
C HIS A 79 13.55 -14.59 -32.42
N SER A 80 13.26 -13.57 -31.61
CA SER A 80 11.94 -12.91 -31.51
C SER A 80 12.10 -11.46 -31.98
N SER A 81 11.49 -11.13 -33.11
CA SER A 81 11.40 -9.75 -33.65
C SER A 81 10.35 -8.97 -32.87
N LEU A 82 9.41 -9.69 -32.22
CA LEU A 82 8.27 -9.13 -31.47
C LEU A 82 8.72 -8.64 -30.08
N ASP A 83 7.97 -7.72 -29.49
CA ASP A 83 8.13 -7.26 -28.08
C ASP A 83 7.79 -8.46 -27.17
N CYS A 84 8.54 -8.59 -26.09
CA CYS A 84 8.38 -9.66 -25.08
C CYS A 84 6.90 -9.88 -24.74
N VAL A 85 6.13 -8.80 -24.51
CA VAL A 85 4.69 -8.84 -24.09
C VAL A 85 3.87 -9.62 -25.13
N LEU A 86 4.25 -9.57 -26.40
CA LEU A 86 3.44 -10.14 -27.52
C LEU A 86 4.07 -11.43 -28.04
N ARG A 87 5.39 -11.61 -27.80
CA ARG A 87 6.14 -12.84 -28.15
C ARG A 87 5.44 -14.05 -27.51
N PRO A 88 5.30 -15.19 -28.22
CA PRO A 88 4.67 -16.38 -27.63
C PRO A 88 5.50 -16.91 -26.46
N THR A 89 4.81 -17.53 -25.49
CA THR A 89 5.38 -18.07 -24.23
C THR A 89 5.79 -19.53 -24.50
N GLU A 90 7.04 -19.88 -24.19
CA GLU A 90 7.68 -21.15 -24.64
C GLU A 90 7.17 -22.33 -23.80
N GLY A 91 7.30 -22.24 -22.48
CA GLY A 91 7.19 -23.40 -21.57
C GLY A 91 8.56 -23.79 -21.08
N TYR A 92 8.64 -24.34 -19.88
CA TYR A 92 9.92 -24.73 -19.23
C TYR A 92 9.91 -26.26 -19.09
N LEU A 93 11.11 -26.83 -18.93
CA LEU A 93 11.30 -28.29 -19.01
C LEU A 93 11.42 -28.82 -17.59
N ALA A 94 10.51 -29.74 -17.25
CA ALA A 94 10.48 -30.46 -15.95
C ALA A 94 11.46 -31.62 -16.03
N VAL A 95 12.52 -31.57 -15.21
CA VAL A 95 13.61 -32.59 -15.21
C VAL A 95 13.79 -33.20 -13.81
N ALA A 96 14.28 -34.44 -13.77
CA ALA A 96 14.89 -35.09 -12.58
C ALA A 96 16.42 -34.95 -12.67
N VAL A 97 17.07 -34.58 -11.57
CA VAL A 97 18.51 -34.21 -11.53
C VAL A 97 19.17 -35.06 -10.45
N VAL A 98 20.35 -35.59 -10.73
CA VAL A 98 21.16 -36.42 -9.77
C VAL A 98 22.63 -35.99 -9.91
N LYS A 99 23.41 -36.15 -8.84
CA LYS A 99 24.90 -36.23 -8.89
C LYS A 99 25.25 -37.44 -9.79
N LYS A 100 26.25 -37.31 -10.66
CA LYS A 100 26.70 -38.43 -11.55
C LYS A 100 27.36 -39.52 -10.70
N ALA A 101 28.07 -39.12 -9.64
CA ALA A 101 28.73 -40.02 -8.66
C ALA A 101 27.70 -40.94 -7.98
N ASN A 102 26.40 -40.64 -8.08
CA ASN A 102 25.31 -41.55 -7.58
C ASN A 102 25.11 -42.66 -8.62
N GLU A 103 26.04 -43.62 -8.61
CA GLU A 103 26.04 -44.79 -9.52
C GLU A 103 24.78 -45.61 -9.28
N GLY A 104 24.17 -46.13 -10.34
CA GLY A 104 23.06 -47.10 -10.28
C GLY A 104 21.73 -46.39 -10.38
N LEU A 105 21.71 -45.11 -9.98
CA LEU A 105 20.47 -44.32 -9.82
C LEU A 105 19.94 -43.94 -11.20
N THR A 106 18.78 -44.49 -11.56
CA THR A 106 17.96 -44.09 -12.74
C THR A 106 16.51 -43.87 -12.30
N TRP A 107 15.72 -43.31 -13.22
CA TRP A 107 14.24 -43.20 -13.08
C TRP A 107 13.68 -44.51 -12.50
N ASN A 108 14.27 -45.64 -12.86
CA ASN A 108 13.70 -46.99 -12.63
C ASN A 108 14.05 -47.52 -11.23
N SER A 109 15.10 -46.97 -10.59
CA SER A 109 15.52 -47.31 -9.21
C SER A 109 15.31 -46.12 -8.26
N LEU A 110 14.26 -45.31 -8.47
CA LEU A 110 13.99 -44.14 -7.60
C LEU A 110 13.34 -44.62 -6.30
N LYS A 111 12.51 -45.65 -6.37
CA LYS A 111 11.80 -46.19 -5.17
C LYS A 111 12.82 -46.32 -4.02
N ASP A 112 12.42 -45.92 -2.81
CA ASP A 112 13.14 -46.06 -1.51
C ASP A 112 14.32 -45.08 -1.43
N LYS A 113 14.52 -44.20 -2.42
CA LYS A 113 15.59 -43.16 -2.40
C LYS A 113 15.13 -41.87 -1.69
N LYS A 114 15.99 -40.85 -1.63
CA LYS A 114 15.74 -39.55 -0.97
C LYS A 114 15.46 -38.46 -2.03
N SER A 115 14.28 -37.82 -1.99
CA SER A 115 13.85 -36.81 -3.00
C SER A 115 13.89 -35.41 -2.42
N CYS A 116 14.24 -34.43 -3.26
CA CYS A 116 14.05 -32.99 -2.98
C CYS A 116 13.00 -32.45 -3.96
N HIS A 117 11.97 -31.79 -3.44
CA HIS A 117 10.87 -31.20 -4.25
C HIS A 117 10.86 -29.69 -4.04
N THR A 118 10.49 -28.92 -5.08
CA THR A 118 10.33 -27.43 -4.99
C THR A 118 9.32 -27.13 -3.90
N ALA A 119 8.14 -27.72 -4.00
CA ALA A 119 7.18 -27.88 -2.88
C ALA A 119 5.99 -28.72 -3.34
N VAL A 120 5.11 -29.11 -2.42
CA VAL A 120 3.88 -29.89 -2.76
C VAL A 120 3.00 -29.00 -3.64
N ASP A 121 2.40 -29.60 -4.69
CA ASP A 121 1.36 -29.01 -5.58
C ASP A 121 1.98 -28.20 -6.72
N ARG A 122 3.30 -27.99 -6.73
CA ARG A 122 4.02 -27.27 -7.83
C ARG A 122 4.29 -28.24 -8.98
N THR A 123 4.30 -27.74 -10.22
CA THR A 123 4.37 -28.55 -11.46
C THR A 123 5.66 -29.42 -11.50
N ALA A 124 6.85 -28.84 -11.53
CA ALA A 124 8.11 -29.58 -11.73
C ALA A 124 8.50 -30.35 -10.47
N GLY A 125 8.46 -29.68 -9.33
CA GLY A 125 8.79 -30.26 -8.00
C GLY A 125 7.92 -31.45 -7.63
N TRP A 126 6.68 -31.52 -8.14
CA TRP A 126 5.60 -32.39 -7.58
C TRP A 126 4.67 -32.97 -8.65
N ASN A 127 3.85 -32.16 -9.33
CA ASN A 127 2.71 -32.72 -10.12
C ASN A 127 3.24 -33.62 -11.23
N ILE A 128 4.31 -33.19 -11.92
CA ILE A 128 4.98 -33.96 -13.03
C ILE A 128 5.55 -35.26 -12.46
N PRO A 129 6.59 -35.28 -11.59
CA PRO A 129 7.17 -36.54 -11.09
C PRO A 129 6.17 -37.48 -10.43
N MET A 130 5.47 -37.00 -9.39
CA MET A 130 4.58 -37.83 -8.54
C MET A 130 3.39 -38.33 -9.36
N GLY A 131 2.91 -37.54 -10.31
CA GLY A 131 1.86 -37.99 -11.25
C GLY A 131 2.31 -39.21 -12.05
N LEU A 132 3.57 -39.21 -12.53
CA LEU A 132 4.15 -40.33 -13.33
C LEU A 132 4.34 -41.56 -12.44
N ILE A 133 4.84 -41.36 -11.21
CA ILE A 133 5.08 -42.42 -10.18
C ILE A 133 3.76 -43.06 -9.73
N VAL A 134 2.67 -42.31 -9.56
CA VAL A 134 1.35 -42.91 -9.20
C VAL A 134 0.84 -43.70 -10.42
N ASN A 135 0.95 -43.10 -11.60
CA ASN A 135 0.58 -43.75 -12.89
C ASN A 135 1.35 -45.08 -13.02
N GLN A 136 2.67 -45.07 -12.80
CA GLN A 136 3.61 -46.18 -13.16
C GLN A 136 3.53 -47.34 -12.18
N THR A 137 3.43 -47.08 -10.87
CA THR A 137 3.32 -48.10 -9.77
C THR A 137 1.87 -48.56 -9.59
N GLY A 138 0.92 -47.83 -10.18
CA GLY A 138 -0.53 -48.13 -10.13
C GLY A 138 -1.11 -48.00 -8.73
N SER A 139 -0.39 -47.32 -7.83
CA SER A 139 -0.74 -47.13 -6.40
C SER A 139 -0.85 -45.65 -6.04
N CYS A 140 -1.72 -45.33 -5.09
CA CYS A 140 -1.95 -43.96 -4.52
C CYS A 140 -0.90 -43.63 -3.45
N ALA A 141 0.02 -44.55 -3.16
CA ALA A 141 0.89 -44.55 -1.97
C ALA A 141 2.19 -43.78 -2.22
N PHE A 142 2.13 -42.69 -2.98
CA PHE A 142 3.29 -41.83 -3.35
C PHE A 142 3.97 -41.23 -2.12
N ASP A 143 3.25 -41.17 -0.99
CA ASP A 143 3.77 -40.57 0.27
C ASP A 143 4.84 -41.49 0.86
N GLU A 144 4.95 -42.73 0.38
CA GLU A 144 5.92 -43.73 0.89
C GLU A 144 6.83 -44.26 -0.23
N PHE A 145 6.82 -43.66 -1.42
CA PHE A 145 7.67 -44.09 -2.56
C PHE A 145 9.13 -43.75 -2.25
N PHE A 146 9.42 -42.50 -1.92
CA PHE A 146 10.74 -42.07 -1.42
C PHE A 146 10.84 -42.49 0.04
N SER A 147 12.04 -42.84 0.53
CA SER A 147 12.27 -43.22 1.95
C SER A 147 12.10 -41.98 2.84
N GLN A 148 12.62 -40.86 2.36
CA GLN A 148 12.58 -39.52 2.99
C GLN A 148 12.61 -38.46 1.88
N SER A 149 11.95 -37.32 2.09
CA SER A 149 11.94 -36.19 1.14
C SER A 149 12.11 -34.88 1.89
N CYS A 150 12.46 -33.81 1.19
CA CYS A 150 12.00 -32.43 1.49
C CYS A 150 11.00 -32.05 0.41
N ALA A 151 9.75 -31.88 0.82
CA ALA A 151 8.63 -31.42 -0.03
C ALA A 151 7.86 -30.40 0.79
N PRO A 152 8.37 -29.15 0.86
CA PRO A 152 7.71 -28.10 1.63
C PRO A 152 6.21 -28.04 1.31
N GLY A 153 5.35 -27.88 2.33
CA GLY A 153 3.90 -27.91 2.17
C GLY A 153 3.26 -29.23 2.58
N ALA A 154 4.04 -30.30 2.70
CA ALA A 154 3.55 -31.62 3.14
C ALA A 154 3.37 -31.59 4.67
N ASP A 155 2.84 -32.67 5.23
CA ASP A 155 2.69 -32.82 6.70
C ASP A 155 4.09 -32.76 7.31
N PRO A 156 4.37 -31.76 8.17
CA PRO A 156 5.67 -31.65 8.82
C PRO A 156 6.02 -32.80 9.79
N LYS A 157 5.10 -33.72 10.07
CA LYS A 157 5.34 -34.94 10.89
C LYS A 157 5.81 -36.10 10.00
N SER A 158 5.44 -36.09 8.72
CA SER A 158 5.65 -37.19 7.75
C SER A 158 7.09 -37.18 7.21
N ARG A 159 7.45 -38.22 6.49
CA ARG A 159 8.79 -38.45 5.90
C ARG A 159 9.01 -37.49 4.72
N LEU A 160 7.94 -36.97 4.11
CA LEU A 160 8.03 -35.96 3.00
C LEU A 160 8.69 -34.66 3.49
N CYS A 161 8.72 -34.40 4.80
CA CYS A 161 9.31 -33.18 5.41
C CYS A 161 10.57 -33.55 6.21
N ALA A 162 10.98 -34.82 6.18
CA ALA A 162 12.06 -35.36 7.07
C ALA A 162 13.37 -34.62 6.82
N LEU A 163 13.67 -34.32 5.55
CA LEU A 163 14.96 -33.77 5.08
C LEU A 163 14.97 -32.23 5.10
N CYS A 164 13.80 -31.59 5.24
CA CYS A 164 13.68 -30.10 5.26
C CYS A 164 14.40 -29.60 6.51
N ALA A 165 15.08 -28.46 6.37
CA ALA A 165 16.06 -27.88 7.32
C ALA A 165 15.54 -26.57 7.92
N GLY A 166 14.48 -25.97 7.37
CA GLY A 166 13.92 -24.68 7.83
C GLY A 166 14.86 -23.52 7.55
N ASP A 167 14.98 -22.57 8.48
CA ASP A 167 15.70 -21.29 8.28
C ASP A 167 17.07 -21.34 8.99
N ASP A 168 17.62 -20.18 9.35
CA ASP A 168 18.94 -20.01 10.02
C ASP A 168 18.98 -20.91 11.25
N GLN A 169 17.99 -20.75 12.15
CA GLN A 169 17.92 -21.42 13.46
C GLN A 169 17.06 -22.69 13.37
N GLY A 170 16.91 -23.25 12.17
CA GLY A 170 16.10 -24.46 11.87
C GLY A 170 14.66 -24.37 12.37
N LEU A 171 14.10 -23.17 12.53
CA LEU A 171 12.64 -23.00 12.77
C LEU A 171 11.88 -23.09 11.44
N ASP A 172 10.58 -23.37 11.52
CA ASP A 172 9.61 -23.40 10.39
C ASP A 172 10.04 -24.42 9.35
N LYS A 173 10.48 -25.59 9.82
CA LYS A 173 10.79 -26.76 8.95
C LYS A 173 9.60 -27.03 8.03
N CYS A 174 9.86 -27.06 6.72
CA CYS A 174 8.95 -27.60 5.68
C CYS A 174 7.88 -26.57 5.29
N VAL A 175 7.87 -25.37 5.87
CA VAL A 175 6.89 -24.31 5.47
C VAL A 175 7.15 -23.95 4.01
N PRO A 176 6.14 -24.00 3.12
CA PRO A 176 6.35 -23.75 1.70
C PRO A 176 6.51 -22.26 1.37
N ASN A 177 7.62 -21.67 1.84
CA ASN A 177 8.09 -20.32 1.45
C ASN A 177 9.63 -20.26 1.60
N SER A 178 10.23 -19.16 1.15
CA SER A 178 11.71 -19.04 0.93
C SER A 178 12.48 -18.97 2.27
N LYS A 179 11.81 -18.98 3.41
CA LYS A 179 12.52 -19.06 4.71
C LYS A 179 13.08 -20.48 4.88
N GLU A 180 12.53 -21.44 4.14
CA GLU A 180 12.93 -22.87 4.21
C GLU A 180 14.04 -23.07 3.16
N LYS A 181 15.27 -23.33 3.63
CA LYS A 181 16.48 -23.28 2.80
C LYS A 181 16.31 -24.20 1.59
N TYR A 182 15.51 -25.26 1.68
CA TYR A 182 15.27 -26.20 0.54
C TYR A 182 13.95 -25.90 -0.19
N TYR A 183 13.35 -24.70 0.01
CA TYR A 183 12.07 -24.33 -0.65
C TYR A 183 12.32 -23.94 -2.11
N GLY A 184 11.44 -24.35 -3.03
CA GLY A 184 11.39 -23.83 -4.40
C GLY A 184 12.49 -24.37 -5.32
N TYR A 185 12.64 -23.81 -6.51
CA TYR A 185 13.58 -24.33 -7.55
C TYR A 185 15.00 -24.35 -6.97
N THR A 186 15.38 -23.20 -6.44
CA THR A 186 16.70 -22.97 -5.81
C THR A 186 16.89 -23.99 -4.69
N GLY A 187 15.91 -24.10 -3.76
CA GLY A 187 16.02 -24.95 -2.55
C GLY A 187 16.14 -26.43 -2.90
N ALA A 188 15.33 -26.92 -3.82
CA ALA A 188 15.35 -28.33 -4.28
C ALA A 188 16.73 -28.67 -4.82
N PHE A 189 17.30 -27.79 -5.63
CA PHE A 189 18.64 -27.99 -6.25
C PHE A 189 19.72 -27.95 -5.17
N ARG A 190 19.66 -27.00 -4.23
CA ARG A 190 20.66 -26.92 -3.13
C ARG A 190 20.61 -28.21 -2.29
N CYS A 191 19.43 -28.82 -2.21
CA CYS A 191 19.15 -30.07 -1.46
C CYS A 191 19.92 -31.22 -2.15
N LEU A 192 19.89 -31.31 -3.48
CA LEU A 192 20.70 -32.29 -4.26
C LEU A 192 22.20 -31.97 -4.18
N ALA A 193 22.57 -30.70 -4.08
CA ALA A 193 23.98 -30.22 -4.12
C ALA A 193 24.61 -30.18 -2.72
N GLU A 194 23.99 -30.76 -1.71
CA GLU A 194 24.56 -30.97 -0.36
C GLU A 194 24.22 -32.41 0.06
N ASP A 195 23.83 -33.22 -0.92
CA ASP A 195 23.52 -34.68 -0.79
C ASP A 195 22.64 -34.95 0.43
N VAL A 196 21.74 -34.04 0.77
CA VAL A 196 20.58 -34.32 1.67
C VAL A 196 19.59 -35.20 0.90
N GLY A 197 19.56 -35.04 -0.45
CA GLY A 197 18.79 -35.87 -1.38
C GLY A 197 19.62 -36.50 -2.50
N ASP A 198 19.02 -37.46 -3.19
CA ASP A 198 19.59 -38.27 -4.30
C ASP A 198 19.03 -37.75 -5.62
N VAL A 199 17.76 -37.35 -5.63
CA VAL A 199 17.08 -36.74 -6.80
C VAL A 199 16.43 -35.40 -6.39
N ALA A 200 16.46 -34.41 -7.28
CA ALA A 200 15.79 -33.11 -7.15
C ALA A 200 14.88 -32.92 -8.37
N PHE A 201 13.59 -32.66 -8.13
CA PHE A 201 12.59 -32.30 -9.15
C PHE A 201 12.54 -30.78 -9.28
N VAL A 202 13.16 -30.27 -10.35
CA VAL A 202 13.29 -28.83 -10.67
C VAL A 202 13.14 -28.69 -12.18
N LYS A 203 13.40 -27.48 -12.69
CA LYS A 203 13.30 -27.18 -14.14
C LYS A 203 14.71 -27.09 -14.72
N ASN A 204 14.83 -27.30 -16.04
CA ASN A 204 16.10 -27.29 -16.81
C ASN A 204 16.94 -26.08 -16.40
N ASP A 205 16.34 -24.90 -16.48
CA ASP A 205 16.95 -23.57 -16.20
C ASP A 205 17.62 -23.52 -14.82
N THR A 206 17.12 -24.28 -13.83
CA THR A 206 17.56 -24.15 -12.41
C THR A 206 19.03 -24.57 -12.31
N VAL A 207 19.42 -25.60 -13.06
CA VAL A 207 20.76 -26.26 -12.99
C VAL A 207 21.78 -25.29 -13.59
N TRP A 208 21.47 -24.77 -14.78
CA TRP A 208 22.32 -23.80 -15.52
C TRP A 208 22.63 -22.59 -14.65
N GLU A 209 21.61 -21.97 -14.05
CA GLU A 209 21.69 -20.68 -13.30
C GLU A 209 22.44 -20.85 -11.97
N ASN A 210 22.72 -22.09 -11.53
CA ASN A 210 23.36 -22.38 -10.21
C ASN A 210 24.62 -23.26 -10.35
N THR A 211 24.97 -23.71 -11.56
CA THR A 211 26.26 -24.38 -11.86
C THR A 211 27.24 -23.39 -12.49
N ASN A 212 28.46 -23.86 -12.78
CA ASN A 212 29.47 -23.20 -13.65
C ASN A 212 29.57 -21.70 -13.32
N GLY A 213 29.80 -21.38 -12.04
CA GLY A 213 30.13 -20.03 -11.53
C GLY A 213 29.01 -19.01 -11.73
N GLU A 214 27.80 -19.45 -12.07
CA GLU A 214 26.71 -18.58 -12.59
C GLU A 214 25.80 -18.07 -11.46
N SER A 215 26.20 -18.18 -10.19
CA SER A 215 25.56 -17.43 -9.08
C SER A 215 26.57 -17.17 -7.94
N THR A 216 26.26 -16.18 -7.11
CA THR A 216 27.19 -15.57 -6.11
C THR A 216 27.02 -16.31 -4.77
N ALA A 217 25.94 -17.07 -4.59
CA ALA A 217 25.63 -17.83 -3.35
C ALA A 217 26.69 -18.93 -3.14
N ASP A 218 27.21 -19.06 -1.91
CA ASP A 218 28.39 -19.91 -1.59
C ASP A 218 28.09 -21.38 -1.92
N TRP A 219 26.91 -21.90 -1.56
CA TRP A 219 26.52 -23.33 -1.80
C TRP A 219 26.63 -23.64 -3.31
N ALA A 220 26.57 -22.63 -4.19
CA ALA A 220 26.54 -22.77 -5.67
C ALA A 220 27.82 -22.26 -6.32
N LYS A 221 28.59 -21.42 -5.60
CA LYS A 221 29.78 -20.68 -6.11
C LYS A 221 30.67 -21.58 -6.96
N ASN A 222 30.91 -22.83 -6.51
CA ASN A 222 31.92 -23.76 -7.08
C ASN A 222 31.27 -25.05 -7.61
N LEU A 223 30.01 -25.00 -8.04
CA LEU A 223 29.32 -26.19 -8.60
C LEU A 223 29.68 -26.32 -10.08
N ASN A 224 29.79 -27.55 -10.57
CA ASN A 224 30.11 -27.84 -12.00
C ASN A 224 28.97 -28.66 -12.57
N ARG A 225 28.40 -28.26 -13.71
CA ARG A 225 27.26 -28.97 -14.32
C ARG A 225 27.68 -30.38 -14.74
N GLU A 226 28.99 -30.65 -14.87
CA GLU A 226 29.52 -31.98 -15.27
C GLU A 226 29.24 -33.00 -14.15
N ASP A 227 29.20 -32.53 -12.89
CA ASP A 227 28.94 -33.36 -11.66
C ASP A 227 27.48 -33.81 -11.56
N PHE A 228 26.62 -33.49 -12.54
CA PHE A 228 25.15 -33.73 -12.50
C PHE A 228 24.70 -34.47 -13.76
N ARG A 229 23.75 -35.39 -13.60
CA ARG A 229 23.08 -36.07 -14.74
C ARG A 229 21.56 -35.83 -14.65
N LEU A 230 20.85 -36.03 -15.76
CA LEU A 230 19.38 -35.97 -15.86
C LEU A 230 18.83 -37.37 -16.06
N LEU A 231 17.85 -37.76 -15.24
CA LEU A 231 17.13 -39.04 -15.39
C LEU A 231 16.06 -38.85 -16.48
N CYS A 232 15.94 -39.78 -17.44
CA CYS A 232 14.89 -39.73 -18.50
C CYS A 232 13.93 -40.89 -18.27
N LEU A 233 12.73 -40.81 -18.85
CA LEU A 233 11.64 -41.81 -18.66
C LEU A 233 12.05 -43.17 -19.26
N ASP A 234 13.02 -43.20 -20.17
CA ASP A 234 13.46 -44.44 -20.88
C ASP A 234 14.38 -45.28 -19.97
N GLY A 235 14.99 -44.67 -18.95
CA GLY A 235 15.83 -45.38 -17.97
C GLY A 235 17.26 -44.92 -18.04
N THR A 236 17.64 -44.17 -19.08
CA THR A 236 19.02 -43.64 -19.35
C THR A 236 19.30 -42.38 -18.54
N ARG A 237 20.57 -42.12 -18.19
CA ARG A 237 21.08 -40.82 -17.65
C ARG A 237 21.88 -40.09 -18.73
N LYS A 238 21.65 -38.78 -18.93
CA LYS A 238 22.36 -37.94 -19.92
C LYS A 238 22.82 -36.66 -19.23
N PRO A 239 23.75 -35.86 -19.81
CA PRO A 239 24.19 -34.62 -19.17
C PRO A 239 23.10 -33.53 -19.23
N VAL A 240 23.33 -32.41 -18.54
CA VAL A 240 22.35 -31.30 -18.36
C VAL A 240 22.12 -30.60 -19.71
N THR A 241 22.98 -30.87 -20.70
CA THR A 241 22.91 -30.30 -22.07
C THR A 241 21.81 -31.03 -22.86
N GLU A 242 21.36 -32.21 -22.41
CA GLU A 242 20.39 -33.05 -23.17
C GLU A 242 18.97 -32.86 -22.61
N ALA A 243 18.72 -31.78 -21.88
CA ALA A 243 17.41 -31.40 -21.30
C ALA A 243 16.30 -31.61 -22.32
N GLN A 244 16.53 -31.28 -23.60
CA GLN A 244 15.49 -31.35 -24.65
C GLN A 244 15.09 -32.80 -24.93
N SER A 245 16.00 -33.75 -24.72
CA SER A 245 15.76 -35.21 -24.91
C SER A 245 15.46 -35.88 -23.56
N CYS A 246 15.85 -35.26 -22.43
CA CYS A 246 15.84 -35.89 -21.09
C CYS A 246 15.08 -34.99 -20.08
N HIS A 247 13.77 -34.83 -20.29
CA HIS A 247 12.85 -34.07 -19.40
C HIS A 247 11.61 -34.91 -19.16
N LEU A 248 10.98 -34.74 -17.99
CA LEU A 248 9.77 -35.49 -17.58
C LEU A 248 8.56 -34.94 -18.33
N ALA A 249 8.50 -33.61 -18.53
CA ALA A 249 7.37 -32.96 -19.25
C ALA A 249 7.62 -31.45 -19.42
N VAL A 250 6.70 -30.83 -20.17
CA VAL A 250 6.64 -29.38 -20.48
C VAL A 250 5.65 -28.73 -19.52
N ALA A 251 6.10 -27.76 -18.71
CA ALA A 251 5.28 -27.00 -17.75
C ALA A 251 4.79 -25.69 -18.37
N PRO A 252 3.48 -25.34 -18.21
CA PRO A 252 3.01 -23.98 -18.46
C PRO A 252 3.74 -23.04 -17.51
N ASN A 253 4.07 -21.82 -17.95
CA ASN A 253 4.93 -20.90 -17.16
C ASN A 253 4.08 -20.34 -16.01
N HIS A 254 4.76 -19.93 -14.94
CA HIS A 254 4.19 -19.16 -13.82
C HIS A 254 3.39 -18.00 -14.40
N ALA A 255 2.22 -17.73 -13.81
CA ALA A 255 1.33 -16.67 -14.30
C ALA A 255 0.73 -15.93 -13.10
N VAL A 256 0.45 -14.64 -13.29
CA VAL A 256 -0.29 -13.81 -12.30
C VAL A 256 -1.74 -14.30 -12.32
N VAL A 257 -2.39 -14.39 -11.16
CA VAL A 257 -3.86 -14.66 -11.09
C VAL A 257 -4.49 -13.59 -10.24
N SER A 258 -5.78 -13.38 -10.46
CA SER A 258 -6.63 -12.48 -9.67
C SER A 258 -8.07 -12.98 -9.70
N ARG A 259 -8.96 -12.25 -9.06
CA ARG A 259 -10.41 -12.43 -9.28
C ARG A 259 -10.77 -11.90 -10.66
N SER A 260 -11.79 -12.45 -11.30
CA SER A 260 -12.32 -12.01 -12.62
C SER A 260 -12.62 -10.49 -12.61
N ASP A 261 -13.24 -9.97 -11.54
CA ASP A 261 -13.64 -8.54 -11.40
C ASP A 261 -12.40 -7.60 -11.39
N ARG A 262 -11.19 -8.03 -10.99
CA ARG A 262 -9.99 -7.15 -10.90
C ARG A 262 -8.97 -7.42 -12.00
N ALA A 263 -9.16 -8.46 -12.81
CA ALA A 263 -8.21 -8.93 -13.85
C ALA A 263 -7.74 -7.79 -14.77
N ALA A 264 -8.68 -7.03 -15.35
CA ALA A 264 -8.39 -5.92 -16.29
C ALA A 264 -7.59 -4.84 -15.55
N HIS A 265 -8.00 -4.47 -14.35
CA HIS A 265 -7.26 -3.44 -13.58
C HIS A 265 -5.86 -3.96 -13.23
N VAL A 266 -5.72 -5.24 -12.86
CA VAL A 266 -4.41 -5.84 -12.48
C VAL A 266 -3.52 -5.89 -13.73
N LYS A 267 -4.05 -6.37 -14.88
CA LYS A 267 -3.32 -6.39 -16.18
C LYS A 267 -2.80 -4.98 -16.50
N GLN A 268 -3.69 -3.99 -16.54
CA GLN A 268 -3.30 -2.60 -16.91
C GLN A 268 -2.15 -2.15 -15.99
N VAL A 269 -2.30 -2.28 -14.68
CA VAL A 269 -1.31 -1.75 -13.71
C VAL A 269 0.05 -2.48 -13.92
N LEU A 270 0.04 -3.79 -14.19
CA LEU A 270 1.29 -4.59 -14.21
C LEU A 270 2.07 -4.24 -15.49
N LEU A 271 1.39 -4.22 -16.65
CA LEU A 271 2.00 -3.84 -17.95
C LEU A 271 2.79 -2.54 -17.78
N HIS A 272 2.21 -1.56 -17.09
CA HIS A 272 2.84 -0.25 -16.81
C HIS A 272 3.95 -0.40 -15.76
N GLN A 273 3.78 -1.22 -14.70
CA GLN A 273 4.83 -1.40 -13.65
C GLN A 273 6.08 -2.04 -14.25
N GLN A 274 5.95 -2.96 -15.20
CA GLN A 274 7.14 -3.61 -15.83
C GLN A 274 7.82 -2.66 -16.85
N ALA A 275 7.09 -1.76 -17.52
CA ALA A 275 7.66 -0.65 -18.34
C ALA A 275 8.63 0.19 -17.49
N LEU A 276 8.32 0.34 -16.21
CA LEU A 276 9.08 1.22 -15.30
C LEU A 276 10.19 0.44 -14.61
N PHE A 277 9.93 -0.80 -14.20
CA PHE A 277 10.77 -1.55 -13.21
C PHE A 277 11.21 -2.91 -13.76
N GLY A 278 10.77 -3.29 -14.96
CA GLY A 278 11.19 -4.53 -15.66
C GLY A 278 12.66 -4.51 -16.10
N LYS A 279 13.00 -5.37 -17.07
CA LYS A 279 14.40 -5.58 -17.50
C LYS A 279 14.95 -4.31 -18.17
N ASN A 280 14.12 -3.57 -18.91
CA ASN A 280 14.56 -2.39 -19.69
C ASN A 280 13.78 -1.16 -19.23
N GLY A 281 13.43 -1.08 -17.96
CA GLY A 281 12.59 0.01 -17.43
C GLY A 281 13.43 1.21 -17.08
N LYS A 282 12.84 2.40 -17.21
CA LYS A 282 13.47 3.71 -16.87
C LYS A 282 14.10 3.63 -15.48
N ASN A 283 13.45 2.92 -14.55
CA ASN A 283 13.69 3.05 -13.08
C ASN A 283 14.50 1.86 -12.55
N CYS A 284 14.76 0.85 -13.39
CA CYS A 284 15.62 -0.32 -13.08
C CYS A 284 16.94 -0.12 -13.82
N PRO A 285 18.10 0.00 -13.14
CA PRO A 285 18.28 -0.39 -11.74
C PRO A 285 18.33 0.73 -10.70
N ASP A 286 18.11 1.98 -11.12
CA ASP A 286 18.33 3.16 -10.25
C ASP A 286 17.42 3.05 -9.03
N LYS A 287 16.13 2.73 -9.23
CA LYS A 287 15.09 2.87 -8.18
C LYS A 287 14.62 1.51 -7.67
N PHE A 288 14.24 0.59 -8.57
CA PHE A 288 13.73 -0.75 -8.17
C PHE A 288 13.63 -1.68 -9.38
N CYS A 289 14.07 -2.93 -9.24
CA CYS A 289 14.06 -3.95 -10.33
C CYS A 289 13.06 -5.06 -9.98
N LEU A 290 11.98 -5.16 -10.74
CA LEU A 290 10.83 -6.01 -10.37
C LEU A 290 11.21 -7.49 -10.48
N PHE A 291 12.19 -7.82 -11.32
CA PHE A 291 12.54 -9.22 -11.65
C PHE A 291 13.98 -9.51 -11.22
N LYS A 292 14.44 -8.87 -10.14
CA LYS A 292 15.70 -9.21 -9.40
C LYS A 292 15.34 -9.38 -7.92
N SER A 293 16.08 -10.23 -7.19
CA SER A 293 15.86 -10.54 -5.76
C SER A 293 17.18 -10.39 -4.98
N GLU A 294 17.11 -9.87 -3.74
CA GLU A 294 18.24 -9.88 -2.76
C GLU A 294 18.58 -11.34 -2.44
N THR A 295 17.57 -12.19 -2.31
CA THR A 295 17.70 -13.69 -2.29
C THR A 295 17.32 -14.22 -3.68
N LYS A 296 16.40 -15.18 -3.80
CA LYS A 296 16.14 -15.85 -5.11
C LYS A 296 14.65 -16.05 -5.40
N ASN A 297 14.27 -15.71 -6.62
CA ASN A 297 12.97 -15.99 -7.28
C ASN A 297 11.80 -15.44 -6.44
N LEU A 298 11.98 -14.31 -5.75
CA LEU A 298 10.95 -13.61 -4.96
C LEU A 298 9.90 -12.93 -5.87
N LEU A 299 8.61 -13.25 -5.67
CA LEU A 299 7.43 -12.72 -6.42
C LEU A 299 7.45 -13.23 -7.85
N PHE A 300 8.58 -13.08 -8.56
CA PHE A 300 8.76 -13.60 -9.94
C PHE A 300 10.04 -14.42 -10.01
N ASN A 301 10.10 -15.35 -10.96
CA ASN A 301 11.39 -15.93 -11.42
C ASN A 301 12.32 -14.79 -11.85
N ASP A 302 13.56 -14.80 -11.37
CA ASP A 302 14.63 -13.83 -11.74
C ASP A 302 15.02 -13.94 -13.21
N ASN A 303 14.59 -15.00 -13.89
CA ASN A 303 14.89 -15.24 -15.33
C ASN A 303 13.72 -14.74 -16.18
N THR A 304 12.90 -13.84 -15.64
CA THR A 304 11.69 -13.29 -16.32
C THR A 304 12.12 -12.04 -17.10
N GLU A 305 11.82 -12.02 -18.40
CA GLU A 305 12.15 -10.89 -19.31
C GLU A 305 11.12 -9.80 -19.05
N CYS A 306 9.87 -10.10 -19.40
CA CYS A 306 8.64 -9.32 -19.09
C CYS A 306 7.54 -10.29 -18.61
N LEU A 307 6.37 -9.78 -18.26
CA LEU A 307 5.10 -10.54 -18.16
C LEU A 307 4.37 -10.34 -19.48
N ALA A 308 3.64 -11.33 -19.97
CA ALA A 308 3.21 -11.36 -21.39
C ALA A 308 1.71 -11.60 -21.47
N LYS A 309 1.04 -10.88 -22.36
CA LYS A 309 -0.43 -11.02 -22.54
C LYS A 309 -0.69 -12.48 -22.90
N LEU A 310 -1.85 -12.99 -22.53
CA LEU A 310 -2.29 -14.36 -22.87
C LEU A 310 -3.06 -14.29 -24.20
N GLY A 311 -3.75 -15.37 -24.58
CA GLY A 311 -4.85 -15.31 -25.56
C GLY A 311 -6.00 -14.47 -25.02
N GLY A 312 -7.19 -14.57 -25.63
CA GLY A 312 -8.39 -13.85 -25.17
C GLY A 312 -8.87 -14.40 -23.84
N ARG A 313 -8.93 -13.56 -22.80
CA ARG A 313 -9.30 -13.90 -21.38
C ARG A 313 -9.42 -15.40 -21.14
N PRO A 314 -8.34 -16.22 -21.17
CA PRO A 314 -8.49 -17.65 -20.91
C PRO A 314 -8.81 -18.00 -19.45
N THR A 315 -9.27 -19.23 -19.26
CA THR A 315 -9.56 -19.87 -17.97
C THR A 315 -8.33 -20.67 -17.54
N TYR A 316 -8.34 -21.27 -16.35
CA TYR A 316 -7.20 -22.06 -15.83
C TYR A 316 -7.03 -23.32 -16.72
N GLU A 317 -8.12 -23.99 -17.11
CA GLU A 317 -8.09 -25.16 -18.04
C GLU A 317 -7.41 -24.77 -19.36
N GLU A 318 -7.88 -23.70 -20.00
CA GLU A 318 -7.32 -23.22 -21.29
C GLU A 318 -5.83 -22.90 -21.09
N TYR A 319 -5.46 -22.20 -20.02
CA TYR A 319 -4.05 -21.73 -19.83
C TYR A 319 -3.10 -22.91 -19.53
N LEU A 320 -3.56 -23.88 -18.74
CA LEU A 320 -2.69 -24.98 -18.24
C LEU A 320 -2.57 -26.07 -19.32
N GLY A 321 -3.64 -26.25 -20.12
CA GLY A 321 -3.75 -27.28 -21.15
C GLY A 321 -4.52 -28.46 -20.63
N THR A 322 -5.49 -28.98 -21.40
CA THR A 322 -6.34 -30.15 -21.04
C THR A 322 -5.48 -31.32 -20.57
N GLU A 323 -4.30 -31.50 -21.16
CA GLU A 323 -3.39 -32.64 -20.85
C GLU A 323 -2.89 -32.52 -19.40
N TYR A 324 -2.49 -31.35 -18.94
CA TYR A 324 -1.88 -31.19 -17.58
C TYR A 324 -3.01 -31.22 -16.55
N VAL A 325 -4.15 -30.61 -16.87
CA VAL A 325 -5.33 -30.55 -15.96
C VAL A 325 -5.72 -31.99 -15.61
N THR A 326 -5.73 -32.89 -16.59
CA THR A 326 -6.19 -34.30 -16.42
C THR A 326 -5.09 -35.06 -15.66
N ALA A 327 -3.81 -34.82 -15.95
CA ALA A 327 -2.68 -35.39 -15.18
C ALA A 327 -2.75 -34.93 -13.71
N ILE A 328 -3.09 -33.66 -13.45
CA ILE A 328 -3.22 -33.09 -12.08
C ILE A 328 -4.43 -33.76 -11.41
N ALA A 329 -5.59 -33.70 -12.07
CA ALA A 329 -6.89 -34.22 -11.58
C ALA A 329 -6.77 -35.67 -11.10
N ASN A 330 -6.04 -36.50 -11.86
CA ASN A 330 -5.81 -37.95 -11.57
C ASN A 330 -4.90 -38.11 -10.34
N LEU A 331 -3.90 -37.24 -10.16
CA LEU A 331 -3.02 -37.28 -8.97
C LEU A 331 -3.79 -36.83 -7.72
N LYS A 332 -4.70 -35.86 -7.88
CA LYS A 332 -5.51 -35.33 -6.76
C LYS A 332 -6.56 -36.36 -6.34
N LYS A 333 -6.91 -37.35 -7.18
CA LYS A 333 -7.84 -38.44 -6.78
C LYS A 333 -7.22 -39.24 -5.62
N CYS A 334 -5.88 -39.31 -5.55
CA CYS A 334 -5.08 -40.08 -4.56
C CYS A 334 -4.89 -39.34 -3.22
N SER A 335 -5.41 -38.12 -3.08
CA SER A 335 -4.98 -37.14 -2.04
C SER A 335 -6.15 -36.21 -1.74
N THR A 336 -6.14 -35.44 -0.64
CA THR A 336 -7.05 -34.26 -0.49
C THR A 336 -6.23 -33.08 0.03
N SER A 337 -6.49 -31.88 -0.46
CA SER A 337 -6.03 -30.61 0.12
C SER A 337 -7.26 -29.83 0.56
N PRO A 338 -7.15 -29.04 1.65
CA PRO A 338 -8.29 -28.31 2.18
C PRO A 338 -8.96 -27.36 1.18
N LEU A 339 -8.16 -26.58 0.46
CA LEU A 339 -8.62 -25.54 -0.47
C LEU A 339 -9.39 -26.18 -1.64
N LEU A 340 -8.96 -27.34 -2.14
CA LEU A 340 -9.64 -28.00 -3.29
C LEU A 340 -11.00 -28.50 -2.82
N GLU A 341 -11.06 -29.09 -1.64
CA GLU A 341 -12.34 -29.60 -1.06
C GLU A 341 -13.26 -28.42 -0.76
N ALA A 342 -12.76 -27.37 -0.11
CA ALA A 342 -13.57 -26.18 0.24
C ALA A 342 -14.20 -25.64 -1.05
N CYS A 343 -13.48 -25.65 -2.17
CA CYS A 343 -13.91 -24.96 -3.41
C CYS A 343 -14.58 -25.90 -4.40
N ALA A 344 -14.60 -27.21 -4.12
CA ALA A 344 -14.99 -28.25 -5.10
C ALA A 344 -16.33 -27.90 -5.74
N PHE A 345 -17.29 -27.34 -5.00
CA PHE A 345 -18.70 -27.16 -5.45
C PHE A 345 -18.75 -26.12 -6.58
N LEU A 346 -17.78 -25.22 -6.64
CA LEU A 346 -17.77 -24.06 -7.57
C LEU A 346 -17.76 -24.52 -9.03
N THR A 347 -17.14 -25.66 -9.37
CA THR A 347 -16.97 -26.10 -10.78
C THR A 347 -17.48 -27.53 -10.99
N ARG A 348 -18.23 -28.09 -10.05
CA ARG A 348 -18.76 -29.47 -10.16
C ARG A 348 -20.07 -29.43 -10.98
N TYR B 1 -25.53 38.48 -8.43
CA TYR B 1 -24.21 37.85 -8.07
C TYR B 1 -23.16 38.93 -7.73
N THR B 2 -23.49 39.85 -6.81
CA THR B 2 -22.51 40.78 -6.21
C THR B 2 -22.39 40.44 -4.71
N ARG B 3 -23.47 39.98 -4.06
CA ARG B 3 -23.38 39.30 -2.74
C ARG B 3 -22.40 38.11 -2.84
N VAL B 4 -21.46 37.98 -1.87
CA VAL B 4 -20.55 36.80 -1.74
C VAL B 4 -21.09 35.86 -0.67
N VAL B 5 -21.53 34.66 -1.08
CA VAL B 5 -22.17 33.65 -0.21
C VAL B 5 -21.06 32.77 0.41
N TRP B 6 -20.82 32.94 1.71
CA TRP B 6 -19.81 32.18 2.51
C TRP B 6 -20.41 30.86 2.95
N CYS B 7 -19.68 29.75 2.76
CA CYS B 7 -20.14 28.46 3.32
C CYS B 7 -19.53 28.24 4.70
N ALA B 8 -20.40 28.09 5.69
CA ALA B 8 -20.09 27.84 7.11
C ALA B 8 -20.32 26.35 7.39
N VAL B 9 -19.30 25.71 7.99
CA VAL B 9 -19.30 24.28 8.40
C VAL B 9 -19.77 24.20 9.86
N GLY B 10 -21.03 23.79 10.06
CA GLY B 10 -21.63 23.57 11.39
C GLY B 10 -22.16 24.87 11.99
N PRO B 11 -22.94 24.76 13.09
CA PRO B 11 -23.70 25.90 13.64
C PRO B 11 -22.87 27.01 14.32
N GLU B 12 -21.77 26.65 14.99
CA GLU B 12 -20.82 27.63 15.57
C GLU B 12 -20.30 28.54 14.45
N GLU B 13 -19.87 28.01 13.31
CA GLU B 13 -19.39 28.84 12.17
C GLU B 13 -20.57 29.62 11.55
N GLN B 14 -21.79 29.10 11.67
CA GLN B 14 -23.02 29.76 11.13
C GLN B 14 -23.20 31.07 11.90
N LYS B 15 -23.21 31.03 13.25
CA LYS B 15 -23.36 32.23 14.13
C LYS B 15 -22.36 33.32 13.72
N LYS B 16 -21.07 33.02 13.71
CA LYS B 16 -20.02 34.03 13.40
C LYS B 16 -20.30 34.61 12.01
N CYS B 17 -20.72 33.76 11.06
CA CYS B 17 -20.98 34.13 9.64
C CYS B 17 -22.19 35.06 9.58
N GLN B 18 -23.30 34.71 10.26
CA GLN B 18 -24.47 35.62 10.43
C GLN B 18 -23.97 36.99 10.93
N GLN B 19 -23.25 37.02 12.05
CA GLN B 19 -22.71 38.29 12.61
C GLN B 19 -21.94 39.04 11.52
N TRP B 20 -20.96 38.37 10.91
CA TRP B 20 -20.17 38.94 9.78
C TRP B 20 -21.12 39.50 8.71
N SER B 21 -22.20 38.78 8.38
CA SER B 21 -23.13 39.15 7.27
C SER B 21 -23.72 40.53 7.57
N GLN B 22 -24.39 40.68 8.72
CA GLN B 22 -24.97 41.96 9.23
C GLN B 22 -23.96 43.11 9.07
N GLN B 23 -22.78 42.98 9.69
CA GLN B 23 -21.78 44.07 9.72
C GLN B 23 -21.31 44.37 8.31
N SER B 24 -21.26 43.36 7.43
CA SER B 24 -20.79 43.53 6.02
C SER B 24 -21.81 44.37 5.24
N GLY B 25 -23.03 44.51 5.80
CA GLY B 25 -24.21 45.03 5.09
C GLY B 25 -24.51 44.15 3.88
N GLN B 26 -24.71 42.84 4.12
CA GLN B 26 -25.06 41.80 3.12
C GLN B 26 -24.11 41.84 1.91
N ASN B 27 -22.95 42.49 1.99
CA ASN B 27 -21.86 42.34 0.98
C ASN B 27 -21.36 40.90 1.00
N VAL B 28 -21.55 40.22 2.15
CA VAL B 28 -21.26 38.79 2.42
C VAL B 28 -22.50 38.17 3.09
N THR B 29 -22.87 36.97 2.64
CA THR B 29 -24.12 36.25 3.00
C THR B 29 -23.71 34.82 3.37
N CYS B 30 -24.55 34.06 4.06
CA CYS B 30 -24.17 32.74 4.61
C CYS B 30 -25.10 31.63 4.09
N ALA B 31 -24.48 30.54 3.62
CA ALA B 31 -25.05 29.18 3.57
C ALA B 31 -24.31 28.31 4.60
N THR B 32 -24.94 27.23 5.08
CA THR B 32 -24.40 26.24 6.05
C THR B 32 -24.57 24.83 5.50
N ALA B 33 -23.63 23.96 5.85
CA ALA B 33 -23.79 22.49 5.88
C ALA B 33 -22.96 21.98 7.05
N SER B 34 -23.13 20.70 7.37
CA SER B 34 -22.55 20.09 8.59
C SER B 34 -21.11 19.62 8.33
N THR B 35 -20.67 19.47 7.08
CA THR B 35 -19.25 19.15 6.77
C THR B 35 -18.72 20.03 5.66
N THR B 36 -17.40 20.05 5.57
CA THR B 36 -16.61 20.84 4.59
C THR B 36 -16.90 20.27 3.20
N ASP B 37 -16.99 18.95 3.10
CA ASP B 37 -17.35 18.24 1.85
C ASP B 37 -18.73 18.74 1.40
N ASP B 38 -19.72 18.78 2.31
CA ASP B 38 -21.10 19.26 2.04
C ASP B 38 -21.03 20.70 1.50
N CYS B 39 -20.21 21.56 2.11
CA CYS B 39 -19.97 22.97 1.69
C CYS B 39 -19.30 23.03 0.31
N ILE B 40 -18.39 22.10 0.01
CA ILE B 40 -17.68 22.12 -1.29
C ILE B 40 -18.77 21.84 -2.33
N VAL B 41 -19.77 21.05 -1.98
CA VAL B 41 -20.83 20.63 -2.92
C VAL B 41 -21.73 21.84 -3.21
N LEU B 42 -22.03 22.64 -2.17
CA LEU B 42 -22.81 23.91 -2.27
C LEU B 42 -22.14 24.87 -3.26
N VAL B 43 -20.84 25.04 -3.17
CA VAL B 43 -20.08 25.91 -4.13
C VAL B 43 -20.25 25.31 -5.55
N LEU B 44 -20.06 24.01 -5.73
CA LEU B 44 -20.22 23.36 -7.05
C LEU B 44 -21.62 23.66 -7.58
N LYS B 45 -22.66 23.51 -6.74
CA LYS B 45 -24.09 23.71 -7.11
C LYS B 45 -24.43 25.19 -7.35
N GLY B 46 -23.60 26.14 -6.89
CA GLY B 46 -23.90 27.58 -6.98
C GLY B 46 -24.76 28.07 -5.81
N GLU B 47 -25.09 27.23 -4.83
CA GLU B 47 -25.77 27.65 -3.58
C GLU B 47 -24.77 28.26 -2.57
N ALA B 48 -23.50 28.44 -2.95
CA ALA B 48 -22.53 29.27 -2.21
C ALA B 48 -21.32 29.58 -3.09
N ASP B 49 -20.52 30.58 -2.72
CA ASP B 49 -19.41 31.09 -3.56
C ASP B 49 -18.05 30.59 -3.01
N ALA B 50 -17.91 30.45 -1.69
CA ALA B 50 -16.56 30.46 -1.08
C ALA B 50 -16.56 29.98 0.35
N LEU B 51 -15.44 29.38 0.72
CA LEU B 51 -15.01 29.16 2.12
C LEU B 51 -13.51 29.00 2.14
N ASN B 52 -12.98 29.02 3.36
CA ASN B 52 -11.55 28.90 3.70
C ASN B 52 -11.29 27.47 4.18
N LEU B 53 -10.24 26.85 3.65
CA LEU B 53 -10.07 25.37 3.65
C LEU B 53 -8.65 24.98 4.02
N ASP B 54 -8.51 23.86 4.70
CA ASP B 54 -7.20 23.18 4.85
C ASP B 54 -6.72 22.72 3.48
N GLY B 55 -5.39 22.70 3.27
CA GLY B 55 -4.77 22.31 1.99
C GLY B 55 -5.32 21.00 1.49
N GLY B 56 -5.57 20.07 2.43
CA GLY B 56 -6.13 18.74 2.16
C GLY B 56 -7.49 18.80 1.51
N TYR B 57 -8.42 19.52 2.14
CA TYR B 57 -9.74 19.90 1.57
C TYR B 57 -9.57 20.75 0.30
N ILE B 58 -8.51 21.54 0.14
CA ILE B 58 -8.25 22.28 -1.14
C ILE B 58 -8.02 21.27 -2.29
N TYR B 59 -7.48 20.08 -2.00
CA TYR B 59 -7.27 19.02 -3.01
C TYR B 59 -8.64 18.54 -3.55
N THR B 60 -9.59 18.24 -2.67
CA THR B 60 -10.97 17.88 -3.06
C THR B 60 -11.57 19.03 -3.87
N ALA B 61 -11.44 20.26 -3.40
CA ALA B 61 -12.02 21.46 -4.04
C ALA B 61 -11.47 21.53 -5.46
N GLY B 62 -10.15 21.39 -5.59
CA GLY B 62 -9.41 21.47 -6.87
C GLY B 62 -9.85 20.40 -7.86
N LYS B 63 -10.07 19.16 -7.39
CA LYS B 63 -10.43 18.02 -8.26
C LYS B 63 -11.85 18.25 -8.81
N CYS B 64 -12.67 19.00 -8.07
CA CYS B 64 -14.03 19.45 -8.44
C CYS B 64 -14.03 20.81 -9.16
N GLY B 65 -12.90 21.30 -9.68
CA GLY B 65 -12.87 22.51 -10.52
C GLY B 65 -12.70 23.84 -9.77
N LEU B 66 -12.63 23.86 -8.43
CA LEU B 66 -12.57 25.13 -7.66
C LEU B 66 -11.14 25.67 -7.67
N VAL B 67 -10.95 26.98 -7.46
CA VAL B 67 -9.60 27.60 -7.46
C VAL B 67 -9.35 28.33 -6.14
N PRO B 68 -8.06 28.41 -5.75
CA PRO B 68 -7.67 29.16 -4.56
C PRO B 68 -7.68 30.65 -4.93
N VAL B 69 -8.10 31.49 -3.99
CA VAL B 69 -8.26 32.96 -4.19
C VAL B 69 -7.18 33.71 -3.38
N LEU B 70 -7.23 33.58 -2.04
CA LEU B 70 -6.31 34.22 -1.06
C LEU B 70 -5.92 33.17 0.01
N ALA B 71 -4.70 33.26 0.55
CA ALA B 71 -4.15 32.35 1.58
C ALA B 71 -4.19 33.04 2.95
N GLU B 72 -4.50 32.31 4.02
CA GLU B 72 -4.10 32.68 5.40
C GLU B 72 -2.61 33.08 5.40
N ASN B 73 -2.29 34.19 6.07
CA ASN B 73 -0.92 34.61 6.48
C ASN B 73 -0.94 34.88 7.98
N ARG B 74 -0.10 34.21 8.76
CA ARG B 74 -0.02 34.42 10.22
C ARG B 74 1.21 35.31 10.49
N LYS B 75 1.41 35.68 11.75
CA LYS B 75 2.63 36.42 12.21
C LYS B 75 3.90 35.72 11.68
N SER B 76 4.74 36.46 10.97
CA SER B 76 6.05 35.97 10.47
C SER B 76 7.10 36.06 11.58
N SER B 77 8.37 35.82 11.23
CA SER B 77 9.55 35.97 12.12
C SER B 77 10.38 37.21 11.75
N LYS B 78 10.35 37.65 10.47
CA LYS B 78 11.20 38.74 9.91
C LYS B 78 10.40 39.59 8.91
N HIS B 79 11.08 40.37 8.05
CA HIS B 79 10.52 41.20 6.95
C HIS B 79 9.24 41.92 7.38
N SER B 80 9.23 42.45 8.61
CA SER B 80 8.06 43.11 9.26
C SER B 80 7.61 44.32 8.45
N SER B 81 8.52 44.93 7.68
CA SER B 81 8.28 46.17 6.89
C SER B 81 7.20 45.93 5.82
N LEU B 82 7.30 44.87 5.01
CA LEU B 82 6.37 44.62 3.87
C LEU B 82 4.94 44.43 4.40
N ASP B 83 3.94 44.89 3.64
CA ASP B 83 2.51 44.83 4.02
C ASP B 83 2.05 43.35 4.03
N CYS B 84 1.31 42.97 5.07
CA CYS B 84 0.82 41.59 5.35
C CYS B 84 0.26 40.96 4.06
N VAL B 85 -0.55 41.72 3.31
CA VAL B 85 -1.27 41.22 2.11
C VAL B 85 -0.26 40.95 0.98
N LEU B 86 0.94 41.53 1.04
CA LEU B 86 1.99 41.36 -0.01
C LEU B 86 3.13 40.50 0.53
N ARG B 87 3.18 40.27 1.84
CA ARG B 87 4.27 39.51 2.52
C ARG B 87 4.16 38.03 2.19
N PRO B 88 5.16 37.42 1.53
CA PRO B 88 5.13 35.99 1.20
C PRO B 88 4.73 35.09 2.38
N THR B 89 3.85 34.12 2.12
CA THR B 89 3.39 33.10 3.10
C THR B 89 4.55 32.13 3.40
N GLU B 90 4.50 31.48 4.54
CA GLU B 90 5.58 30.53 4.94
C GLU B 90 5.02 29.11 4.87
N GLY B 91 3.99 28.82 5.65
CA GLY B 91 3.38 27.49 5.66
C GLY B 91 3.79 26.75 6.91
N TYR B 92 2.81 26.27 7.66
CA TYR B 92 2.91 25.67 9.01
C TYR B 92 3.69 24.34 8.98
N LEU B 93 3.96 23.82 10.18
CA LEU B 93 4.79 22.60 10.39
C LEU B 93 3.88 21.55 11.02
N ALA B 94 3.66 20.48 10.27
CA ALA B 94 2.92 19.28 10.71
C ALA B 94 3.85 18.52 11.64
N VAL B 95 3.37 18.25 12.85
CA VAL B 95 4.15 17.51 13.88
C VAL B 95 3.28 16.43 14.49
N ALA B 96 3.90 15.35 14.98
CA ALA B 96 3.28 14.35 15.87
C ALA B 96 3.67 14.70 17.31
N VAL B 97 2.69 14.77 18.22
CA VAL B 97 2.84 15.28 19.61
C VAL B 97 2.43 14.18 20.59
N VAL B 98 3.34 13.88 21.54
CA VAL B 98 3.12 12.89 22.64
C VAL B 98 3.34 13.63 23.97
N LYS B 99 2.82 13.06 25.06
CA LYS B 99 3.25 13.37 26.46
C LYS B 99 4.61 12.71 26.70
N LYS B 100 5.62 13.45 27.20
CA LYS B 100 6.96 12.91 27.57
C LYS B 100 6.82 11.66 28.44
N ALA B 101 5.88 11.65 29.41
CA ALA B 101 5.56 10.53 30.34
C ALA B 101 5.34 9.22 29.58
N ASN B 102 4.47 9.21 28.56
CA ASN B 102 4.31 8.01 27.69
C ASN B 102 5.70 7.54 27.27
N GLU B 103 6.19 6.46 27.88
CA GLU B 103 7.62 6.09 27.84
C GLU B 103 7.90 5.31 26.54
N GLY B 104 9.03 5.61 25.89
CA GLY B 104 9.56 4.84 24.74
C GLY B 104 8.58 4.77 23.57
N LEU B 105 7.75 5.79 23.42
CA LEU B 105 6.86 6.00 22.26
C LEU B 105 7.63 6.83 21.24
N THR B 106 8.08 6.23 20.15
CA THR B 106 8.69 6.96 19.00
C THR B 106 7.79 6.75 17.78
N TRP B 107 8.18 7.38 16.67
CA TRP B 107 7.55 7.18 15.34
C TRP B 107 7.46 5.67 15.08
N ASN B 108 8.54 4.96 15.39
CA ASN B 108 8.78 3.54 15.02
C ASN B 108 7.97 2.58 15.90
N SER B 109 7.16 3.07 16.85
CA SER B 109 6.32 2.22 17.73
C SER B 109 4.86 2.69 17.75
N LEU B 110 4.40 3.40 16.73
CA LEU B 110 3.04 4.01 16.73
C LEU B 110 1.98 2.92 16.47
N LYS B 111 2.37 1.83 15.81
CA LYS B 111 1.44 0.69 15.55
C LYS B 111 0.69 0.36 16.86
N ASP B 112 -0.61 0.11 16.77
CA ASP B 112 -1.48 -0.38 17.88
C ASP B 112 -1.76 0.74 18.90
N LYS B 113 -1.06 1.87 18.82
CA LYS B 113 -1.27 3.03 19.72
C LYS B 113 -2.59 3.76 19.42
N LYS B 114 -2.95 4.74 20.25
CA LYS B 114 -4.20 5.53 20.16
C LYS B 114 -3.91 6.91 19.58
N SER B 115 -4.65 7.33 18.54
CA SER B 115 -4.37 8.54 17.73
C SER B 115 -5.55 9.54 17.80
N CYS B 116 -5.22 10.83 17.74
CA CYS B 116 -6.17 11.98 17.65
C CYS B 116 -5.83 12.76 16.38
N HIS B 117 -6.81 12.94 15.48
CA HIS B 117 -6.63 13.60 14.15
C HIS B 117 -7.51 14.85 14.08
N THR B 118 -7.09 15.87 13.34
CA THR B 118 -7.89 17.11 13.17
C THR B 118 -9.20 16.67 12.52
N ALA B 119 -9.06 15.96 11.40
CA ALA B 119 -10.13 15.21 10.69
C ALA B 119 -9.52 14.46 9.50
N VAL B 120 -10.29 13.51 8.97
CA VAL B 120 -9.93 12.80 7.70
C VAL B 120 -9.72 13.85 6.62
N ASP B 121 -8.64 13.72 5.86
CA ASP B 121 -8.36 14.51 4.62
C ASP B 121 -7.72 15.85 4.93
N ARG B 122 -7.53 16.21 6.19
CA ARG B 122 -6.78 17.46 6.54
C ARG B 122 -5.28 17.18 6.48
N THR B 123 -4.46 18.22 6.28
CA THR B 123 -3.01 18.04 5.98
C THR B 123 -2.25 17.51 7.20
N ALA B 124 -2.16 18.27 8.30
CA ALA B 124 -1.40 17.85 9.51
C ALA B 124 -2.11 16.65 10.16
N GLY B 125 -3.44 16.68 10.22
CA GLY B 125 -4.28 15.64 10.84
C GLY B 125 -4.18 14.27 10.17
N TRP B 126 -4.02 14.22 8.85
CA TRP B 126 -4.29 12.97 8.09
C TRP B 126 -3.30 12.82 6.92
N ASN B 127 -3.34 13.70 5.94
CA ASN B 127 -2.60 13.44 4.67
C ASN B 127 -1.16 13.08 5.01
N ILE B 128 -0.51 13.89 5.84
CA ILE B 128 0.95 13.77 6.11
C ILE B 128 1.22 12.47 6.89
N PRO B 129 0.70 12.27 8.12
CA PRO B 129 1.02 11.08 8.92
C PRO B 129 0.63 9.77 8.22
N MET B 130 -0.62 9.67 7.79
CA MET B 130 -1.19 8.46 7.14
C MET B 130 -0.55 8.25 5.78
N GLY B 131 -0.21 9.30 5.05
CA GLY B 131 0.64 9.15 3.84
C GLY B 131 1.93 8.41 4.12
N LEU B 132 2.66 8.84 5.16
CA LEU B 132 3.98 8.29 5.57
C LEU B 132 3.79 6.88 6.12
N ILE B 133 2.78 6.65 6.95
CA ILE B 133 2.52 5.30 7.54
C ILE B 133 2.30 4.31 6.40
N VAL B 134 1.34 4.63 5.50
CA VAL B 134 1.02 3.80 4.31
C VAL B 134 2.31 3.54 3.53
N ASN B 135 3.16 4.55 3.32
CA ASN B 135 4.34 4.36 2.44
C ASN B 135 5.37 3.46 3.15
N GLN B 136 5.60 3.67 4.44
CA GLN B 136 6.54 2.87 5.27
C GLN B 136 6.15 1.41 5.27
N THR B 137 4.88 1.10 5.60
CA THR B 137 4.34 -0.28 5.78
C THR B 137 3.99 -0.94 4.44
N GLY B 138 3.97 -0.20 3.33
CA GLY B 138 3.63 -0.77 2.00
C GLY B 138 2.20 -1.30 1.97
N SER B 139 1.35 -0.83 2.87
CA SER B 139 -0.03 -1.33 3.14
C SER B 139 -1.06 -0.20 3.11
N CYS B 140 -2.21 -0.40 2.45
CA CYS B 140 -3.36 0.54 2.42
C CYS B 140 -4.24 0.36 3.65
N ALA B 141 -3.91 -0.53 4.60
CA ALA B 141 -4.72 -0.86 5.81
C ALA B 141 -4.44 0.15 6.93
N PHE B 142 -4.51 1.45 6.61
CA PHE B 142 -4.28 2.57 7.56
C PHE B 142 -5.39 2.56 8.61
N ASP B 143 -6.51 1.93 8.28
CA ASP B 143 -7.77 1.92 9.09
C ASP B 143 -7.62 0.93 10.26
N GLU B 144 -6.52 0.18 10.30
CA GLU B 144 -6.25 -0.82 11.34
C GLU B 144 -4.85 -0.59 11.93
N PHE B 145 -4.21 0.54 11.68
CA PHE B 145 -2.81 0.78 12.13
C PHE B 145 -2.85 1.12 13.62
N PHE B 146 -3.74 2.04 13.96
CA PHE B 146 -3.97 2.50 15.34
C PHE B 146 -5.03 1.57 15.93
N SER B 147 -4.85 1.18 17.19
CA SER B 147 -5.83 0.35 17.95
C SER B 147 -7.18 1.06 17.95
N GLN B 148 -7.15 2.35 18.24
CA GLN B 148 -8.35 3.25 18.27
C GLN B 148 -7.92 4.69 17.97
N SER B 149 -8.84 5.50 17.44
CA SER B 149 -8.57 6.90 17.07
C SER B 149 -9.85 7.71 17.29
N CYS B 150 -9.68 9.02 17.30
CA CYS B 150 -10.75 9.99 16.96
C CYS B 150 -10.28 10.77 15.74
N ALA B 151 -10.86 10.42 14.58
CA ALA B 151 -10.55 11.02 13.26
C ALA B 151 -11.88 11.49 12.67
N PRO B 152 -12.41 12.65 13.11
CA PRO B 152 -13.71 13.10 12.64
C PRO B 152 -13.74 13.04 11.10
N GLY B 153 -14.86 12.56 10.55
CA GLY B 153 -15.07 12.34 9.10
C GLY B 153 -14.99 10.88 8.70
N ALA B 154 -14.32 10.06 9.51
CA ALA B 154 -14.23 8.60 9.32
C ALA B 154 -15.63 8.01 9.51
N ASP B 155 -15.79 6.70 9.24
CA ASP B 155 -17.00 5.91 9.55
C ASP B 155 -17.26 5.97 11.06
N PRO B 156 -18.43 6.50 11.51
CA PRO B 156 -18.70 6.67 12.94
C PRO B 156 -18.74 5.36 13.74
N LYS B 157 -18.85 4.23 13.04
CA LYS B 157 -18.93 2.86 13.62
C LYS B 157 -17.52 2.26 13.81
N SER B 158 -16.51 2.81 13.14
CA SER B 158 -15.18 2.17 13.01
C SER B 158 -14.30 2.53 14.21
N ARG B 159 -13.15 1.87 14.31
CA ARG B 159 -12.16 2.10 15.38
C ARG B 159 -11.57 3.49 15.18
N LEU B 160 -11.75 4.10 14.01
CA LEU B 160 -11.16 5.42 13.66
C LEU B 160 -11.97 6.54 14.33
N CYS B 161 -13.19 6.22 14.80
CA CYS B 161 -14.09 7.15 15.53
C CYS B 161 -14.34 6.69 16.97
N ALA B 162 -13.71 5.61 17.40
CA ALA B 162 -13.99 4.97 18.72
C ALA B 162 -13.83 6.01 19.83
N LEU B 163 -12.76 6.81 19.79
CA LEU B 163 -12.35 7.80 20.82
C LEU B 163 -13.16 9.11 20.75
N CYS B 164 -13.67 9.53 19.59
CA CYS B 164 -14.43 10.82 19.44
C CYS B 164 -15.56 10.85 20.48
N ALA B 165 -15.95 12.04 20.94
CA ALA B 165 -16.74 12.28 22.17
C ALA B 165 -18.08 12.98 21.86
N GLY B 166 -18.21 13.57 20.68
CA GLY B 166 -19.44 14.27 20.26
C GLY B 166 -19.49 15.69 20.79
N ASP B 167 -20.69 16.26 20.90
CA ASP B 167 -20.92 17.59 21.51
C ASP B 167 -21.17 17.41 23.02
N ASP B 168 -21.75 18.43 23.67
CA ASP B 168 -22.03 18.47 25.14
C ASP B 168 -22.85 17.25 25.56
N GLN B 169 -23.80 16.80 24.73
CA GLN B 169 -24.73 15.67 25.03
C GLN B 169 -24.18 14.35 24.50
N GLY B 170 -22.89 14.28 24.17
CA GLY B 170 -22.27 13.10 23.51
C GLY B 170 -22.96 12.72 22.21
N LEU B 171 -23.46 13.71 21.45
CA LEU B 171 -24.21 13.49 20.18
C LEU B 171 -23.38 13.98 18.97
N ASP B 172 -23.65 13.38 17.82
CA ASP B 172 -22.97 13.66 16.53
C ASP B 172 -21.47 13.35 16.68
N LYS B 173 -21.13 12.32 17.43
CA LYS B 173 -19.77 11.72 17.51
C LYS B 173 -19.12 11.58 16.12
N CYS B 174 -17.97 12.22 15.91
CA CYS B 174 -17.08 12.02 14.74
C CYS B 174 -17.53 12.89 13.55
N VAL B 175 -18.59 13.68 13.69
CA VAL B 175 -19.01 14.63 12.63
C VAL B 175 -17.89 15.66 12.52
N PRO B 176 -17.28 15.85 11.34
CA PRO B 176 -16.18 16.81 11.19
C PRO B 176 -16.64 18.28 11.17
N ASN B 177 -16.98 18.80 12.35
CA ASN B 177 -17.07 20.25 12.63
C ASN B 177 -16.83 20.54 14.12
N SER B 178 -16.85 21.83 14.47
CA SER B 178 -16.44 22.44 15.77
C SER B 178 -17.21 21.86 16.97
N LYS B 179 -18.41 21.34 16.74
CA LYS B 179 -19.32 20.86 17.79
C LYS B 179 -18.77 19.56 18.37
N GLU B 180 -18.00 18.80 17.58
CA GLU B 180 -17.31 17.57 18.06
C GLU B 180 -16.12 18.02 18.91
N LYS B 181 -16.04 17.54 20.16
CA LYS B 181 -15.05 17.96 21.18
C LYS B 181 -13.62 17.91 20.62
N TYR B 182 -13.25 16.83 19.93
CA TYR B 182 -11.85 16.56 19.53
C TYR B 182 -11.64 16.95 18.04
N TYR B 183 -12.56 17.73 17.45
CA TYR B 183 -12.41 18.22 16.06
C TYR B 183 -11.31 19.27 16.01
N GLY B 184 -10.63 19.35 14.88
CA GLY B 184 -9.71 20.45 14.55
C GLY B 184 -8.38 20.32 15.25
N TYR B 185 -7.48 21.26 14.93
CA TYR B 185 -6.16 21.42 15.58
C TYR B 185 -6.34 21.40 17.09
N THR B 186 -7.21 22.27 17.60
CA THR B 186 -7.54 22.39 19.05
C THR B 186 -8.08 21.06 19.57
N GLY B 187 -9.14 20.53 18.99
CA GLY B 187 -9.75 19.28 19.48
C GLY B 187 -8.75 18.14 19.56
N ALA B 188 -7.89 17.96 18.55
CA ALA B 188 -6.89 16.87 18.49
C ALA B 188 -5.86 17.02 19.60
N PHE B 189 -5.34 18.22 19.84
CA PHE B 189 -4.42 18.50 20.99
C PHE B 189 -5.16 18.20 22.31
N ARG B 190 -6.41 18.65 22.44
CA ARG B 190 -7.22 18.39 23.66
C ARG B 190 -7.42 16.88 23.85
N CYS B 191 -7.36 16.09 22.78
CA CYS B 191 -7.55 14.62 22.81
C CYS B 191 -6.27 13.99 23.38
N LEU B 192 -5.10 14.52 23.01
CA LEU B 192 -3.78 14.13 23.59
C LEU B 192 -3.73 14.51 25.08
N ALA B 193 -4.09 15.77 25.41
CA ALA B 193 -3.98 16.39 26.75
C ALA B 193 -4.84 15.63 27.77
N GLU B 194 -6.13 15.38 27.48
CA GLU B 194 -7.03 14.61 28.38
C GLU B 194 -6.65 13.13 28.30
N ASP B 195 -5.53 12.81 27.63
CA ASP B 195 -4.86 11.48 27.58
C ASP B 195 -5.82 10.40 27.06
N VAL B 196 -6.76 10.78 26.19
CA VAL B 196 -7.68 9.85 25.46
C VAL B 196 -6.86 9.12 24.37
N GLY B 197 -5.83 9.77 23.81
CA GLY B 197 -4.94 9.16 22.81
C GLY B 197 -3.48 9.43 23.07
N ASP B 198 -2.62 8.50 22.61
CA ASP B 198 -1.15 8.47 22.84
C ASP B 198 -0.46 9.52 21.97
N VAL B 199 -1.03 9.84 20.81
CA VAL B 199 -0.38 10.75 19.82
C VAL B 199 -1.45 11.64 19.18
N ALA B 200 -1.06 12.87 18.82
CA ALA B 200 -1.93 13.86 18.14
C ALA B 200 -1.17 14.43 16.94
N PHE B 201 -1.85 14.44 15.80
CA PHE B 201 -1.30 15.01 14.54
C PHE B 201 -1.93 16.39 14.37
N VAL B 202 -1.13 17.44 14.69
CA VAL B 202 -1.51 18.88 14.62
C VAL B 202 -0.32 19.65 14.04
N LYS B 203 -0.44 20.97 14.00
CA LYS B 203 0.67 21.86 13.56
C LYS B 203 1.44 22.40 14.78
N ASN B 204 2.69 22.77 14.57
CA ASN B 204 3.56 23.29 15.65
C ASN B 204 2.78 24.34 16.47
N ASP B 205 2.15 25.31 15.79
CA ASP B 205 1.51 26.52 16.40
C ASP B 205 0.47 26.10 17.44
N THR B 206 -0.20 24.96 17.24
CA THR B 206 -1.31 24.52 18.11
C THR B 206 -0.75 24.17 19.49
N VAL B 207 0.48 23.64 19.52
CA VAL B 207 1.17 23.13 20.74
C VAL B 207 1.46 24.32 21.65
N TRP B 208 2.14 25.35 21.12
CA TRP B 208 2.42 26.64 21.82
C TRP B 208 1.10 27.24 22.34
N GLU B 209 0.15 27.48 21.44
CA GLU B 209 -1.08 28.29 21.67
C GLU B 209 -1.92 27.74 22.83
N ASN B 210 -1.76 26.47 23.21
CA ASN B 210 -2.60 25.81 24.25
C ASN B 210 -1.73 25.29 25.40
N THR B 211 -0.53 25.86 25.59
CA THR B 211 0.35 25.58 26.77
C THR B 211 0.89 26.87 27.38
N ASN B 212 1.28 26.79 28.66
CA ASN B 212 1.94 27.88 29.43
C ASN B 212 1.02 29.10 29.49
N GLY B 213 -0.21 28.91 29.96
CA GLY B 213 -1.22 29.98 30.17
C GLY B 213 -1.62 30.73 28.90
N GLU B 214 -1.26 30.21 27.72
CA GLU B 214 -1.45 30.89 26.40
C GLU B 214 -2.91 30.76 25.97
N SER B 215 -3.69 29.84 26.55
CA SER B 215 -5.15 29.72 26.34
C SER B 215 -5.90 29.70 27.68
N THR B 216 -7.06 30.37 27.70
CA THR B 216 -7.92 30.62 28.89
C THR B 216 -8.68 29.34 29.30
N ALA B 217 -9.17 28.55 28.33
CA ALA B 217 -10.01 27.34 28.55
C ALA B 217 -9.31 26.38 29.51
N ASP B 218 -10.08 25.59 30.28
CA ASP B 218 -9.61 24.88 31.51
C ASP B 218 -8.76 23.66 31.15
N TRP B 219 -9.22 22.80 30.24
CA TRP B 219 -8.47 21.59 29.80
C TRP B 219 -7.00 21.97 29.48
N ALA B 220 -6.76 23.20 29.01
CA ALA B 220 -5.44 23.71 28.55
C ALA B 220 -4.79 24.70 29.54
N LYS B 221 -5.52 25.13 30.57
CA LYS B 221 -5.15 26.24 31.50
C LYS B 221 -3.78 25.96 32.13
N ASN B 222 -3.61 24.76 32.71
CA ASN B 222 -2.45 24.40 33.56
C ASN B 222 -1.44 23.56 32.79
N LEU B 223 -1.63 23.40 31.47
CA LEU B 223 -0.74 22.58 30.62
C LEU B 223 0.63 23.26 30.52
N ASN B 224 1.70 22.48 30.61
CA ASN B 224 3.10 22.97 30.55
C ASN B 224 3.84 22.18 29.47
N ARG B 225 4.59 22.85 28.59
CA ARG B 225 5.10 22.28 27.31
C ARG B 225 6.44 21.55 27.50
N GLU B 226 6.79 21.18 28.73
CA GLU B 226 7.89 20.22 29.03
C GLU B 226 7.28 18.83 29.20
N ASP B 227 5.98 18.78 29.54
CA ASP B 227 5.14 17.54 29.62
C ASP B 227 4.76 16.99 28.23
N PHE B 228 5.21 17.62 27.15
CA PHE B 228 4.90 17.21 25.75
C PHE B 228 6.21 17.09 24.97
N ARG B 229 6.27 16.14 24.03
CA ARG B 229 7.43 15.96 23.12
C ARG B 229 6.91 15.78 21.67
N LEU B 230 7.76 16.09 20.70
CA LEU B 230 7.56 15.88 19.24
C LEU B 230 8.28 14.61 18.79
N LEU B 231 7.58 13.75 18.05
CA LEU B 231 8.19 12.57 17.38
C LEU B 231 8.82 13.06 16.08
N CYS B 232 9.99 12.56 15.73
CA CYS B 232 10.71 12.90 14.47
C CYS B 232 10.80 11.62 13.64
N LEU B 233 10.94 11.78 12.33
CA LEU B 233 11.00 10.66 11.35
C LEU B 233 12.15 9.72 11.72
N ASP B 234 13.31 10.26 12.11
CA ASP B 234 14.55 9.49 12.42
C ASP B 234 14.31 8.50 13.59
N GLY B 235 13.42 8.81 14.53
CA GLY B 235 13.11 7.96 15.70
C GLY B 235 13.23 8.72 17.02
N THR B 236 14.03 9.79 17.04
CA THR B 236 14.35 10.60 18.25
C THR B 236 13.08 11.32 18.72
N ARG B 237 13.06 11.71 19.99
CA ARG B 237 12.04 12.61 20.59
C ARG B 237 12.72 13.96 20.86
N LYS B 238 12.00 15.07 20.76
CA LYS B 238 12.57 16.43 20.93
C LYS B 238 11.55 17.29 21.65
N PRO B 239 12.00 18.36 22.36
CA PRO B 239 11.08 19.32 22.98
C PRO B 239 10.26 20.05 21.91
N VAL B 240 9.11 20.59 22.30
CA VAL B 240 8.14 21.25 21.37
C VAL B 240 8.77 22.50 20.74
N THR B 241 9.90 22.96 21.29
CA THR B 241 10.70 24.13 20.81
C THR B 241 11.55 23.71 19.61
N GLU B 242 11.65 22.42 19.33
CA GLU B 242 12.58 21.88 18.30
C GLU B 242 11.86 21.62 16.97
N ALA B 243 10.64 22.14 16.76
CA ALA B 243 9.76 21.75 15.62
C ALA B 243 10.52 21.91 14.30
N GLN B 244 11.41 22.90 14.18
CA GLN B 244 12.13 23.23 12.92
C GLN B 244 12.95 22.04 12.40
N SER B 245 13.26 21.04 13.24
CA SER B 245 14.07 19.85 12.88
C SER B 245 13.44 18.56 13.43
N CYS B 246 12.16 18.61 13.84
CA CYS B 246 11.36 17.45 14.35
C CYS B 246 9.90 17.66 13.89
N HIS B 247 9.72 17.88 12.58
CA HIS B 247 8.40 18.02 11.92
C HIS B 247 8.24 16.92 10.86
N LEU B 248 7.01 16.50 10.59
CA LEU B 248 6.72 15.44 9.58
C LEU B 248 6.81 16.04 8.17
N ALA B 249 6.23 17.22 7.97
CA ALA B 249 6.32 17.99 6.70
C ALA B 249 5.88 19.45 6.88
N VAL B 250 6.19 20.28 5.88
CA VAL B 250 5.70 21.68 5.78
C VAL B 250 4.36 21.64 5.04
N ALA B 251 3.31 22.22 5.61
CA ALA B 251 1.94 22.27 5.05
C ALA B 251 1.78 23.58 4.30
N PRO B 252 1.09 23.58 3.14
CA PRO B 252 0.59 24.81 2.56
C PRO B 252 -0.50 25.39 3.46
N ASN B 253 -0.58 26.72 3.47
CA ASN B 253 -1.52 27.47 4.33
C ASN B 253 -2.94 27.28 3.82
N HIS B 254 -3.86 27.12 4.77
CA HIS B 254 -5.30 27.22 4.56
C HIS B 254 -5.57 28.40 3.60
N ALA B 255 -6.40 28.21 2.58
CA ALA B 255 -6.73 29.28 1.61
C ALA B 255 -8.22 29.26 1.27
N VAL B 256 -8.72 30.40 0.80
CA VAL B 256 -10.12 30.55 0.29
C VAL B 256 -10.16 29.97 -1.11
N VAL B 257 -11.22 29.21 -1.40
CA VAL B 257 -11.49 28.68 -2.76
C VAL B 257 -12.86 29.16 -3.22
N SER B 258 -13.05 29.26 -4.54
CA SER B 258 -14.35 29.51 -5.21
C SER B 258 -14.34 28.90 -6.60
N ARG B 259 -15.48 29.03 -7.29
CA ARG B 259 -15.54 28.75 -8.75
C ARG B 259 -14.58 29.70 -9.46
N SER B 260 -14.06 29.34 -10.62
CA SER B 260 -13.03 30.16 -11.31
C SER B 260 -13.65 31.46 -11.85
N ASP B 261 -14.93 31.42 -12.22
CA ASP B 261 -15.73 32.59 -12.67
C ASP B 261 -16.03 33.54 -11.49
N ARG B 262 -15.69 33.22 -10.25
CA ARG B 262 -16.02 34.09 -9.10
C ARG B 262 -14.76 34.56 -8.37
N ALA B 263 -13.58 34.07 -8.75
CA ALA B 263 -12.29 34.32 -8.04
C ALA B 263 -12.10 35.83 -7.85
N ALA B 264 -11.95 36.58 -8.94
CA ALA B 264 -11.70 38.06 -8.93
C ALA B 264 -12.74 38.76 -8.03
N HIS B 265 -14.04 38.51 -8.20
CA HIS B 265 -15.09 39.12 -7.35
C HIS B 265 -14.77 38.79 -5.91
N VAL B 266 -14.62 37.51 -5.59
CA VAL B 266 -14.39 37.06 -4.19
C VAL B 266 -13.12 37.71 -3.64
N LYS B 267 -12.07 37.81 -4.45
CA LYS B 267 -10.77 38.45 -4.09
C LYS B 267 -11.05 39.87 -3.62
N GLN B 268 -11.59 40.71 -4.53
CA GLN B 268 -11.89 42.16 -4.35
C GLN B 268 -12.73 42.33 -3.09
N VAL B 269 -13.80 41.55 -2.94
CA VAL B 269 -14.75 41.69 -1.79
C VAL B 269 -14.00 41.42 -0.49
N LEU B 270 -13.16 40.38 -0.45
CA LEU B 270 -12.51 39.90 0.80
C LEU B 270 -11.41 40.89 1.25
N LEU B 271 -10.61 41.41 0.31
CA LEU B 271 -9.61 42.47 0.62
C LEU B 271 -10.31 43.63 1.34
N HIS B 272 -11.43 44.12 0.81
CA HIS B 272 -12.23 45.19 1.46
C HIS B 272 -12.80 44.74 2.81
N GLN B 273 -13.20 43.48 2.94
CA GLN B 273 -13.82 42.99 4.20
C GLN B 273 -12.75 42.90 5.30
N GLN B 274 -11.50 42.69 4.88
CA GLN B 274 -10.31 42.62 5.76
C GLN B 274 -10.03 44.01 6.35
N ALA B 275 -9.84 45.00 5.46
CA ALA B 275 -9.60 46.43 5.80
C ALA B 275 -10.65 46.88 6.81
N LEU B 276 -11.86 46.34 6.73
CA LEU B 276 -12.95 46.62 7.70
C LEU B 276 -12.76 45.81 8.99
N PHE B 277 -12.71 44.47 8.93
CA PHE B 277 -12.92 43.60 10.12
C PHE B 277 -11.69 42.74 10.49
N GLY B 278 -10.57 42.90 9.78
CA GLY B 278 -9.28 42.23 10.08
C GLY B 278 -8.60 42.66 11.38
N LYS B 279 -7.38 42.15 11.59
CA LYS B 279 -6.56 42.30 12.82
C LYS B 279 -6.43 43.79 13.18
N ASN B 280 -6.07 44.61 12.18
CA ASN B 280 -5.90 46.08 12.30
C ASN B 280 -6.73 46.77 11.21
N GLY B 281 -8.06 46.68 11.35
CA GLY B 281 -9.04 47.31 10.45
C GLY B 281 -10.05 48.15 11.22
N LYS B 282 -10.65 49.12 10.51
CA LYS B 282 -11.49 50.23 11.04
C LYS B 282 -12.36 49.74 12.20
N ASN B 283 -12.98 48.55 12.09
CA ASN B 283 -14.15 48.16 12.94
C ASN B 283 -13.85 46.93 13.81
N CYS B 284 -12.57 46.55 13.96
CA CYS B 284 -12.11 45.51 14.94
C CYS B 284 -11.27 46.24 16.01
N PRO B 285 -11.59 46.11 17.32
CA PRO B 285 -12.73 45.33 17.82
C PRO B 285 -14.06 46.08 18.03
N ASP B 286 -14.22 47.26 17.43
CA ASP B 286 -15.38 48.14 17.74
C ASP B 286 -16.67 47.34 17.44
N LYS B 287 -16.85 46.94 16.18
CA LYS B 287 -18.06 46.22 15.71
C LYS B 287 -17.86 44.71 15.73
N PHE B 288 -16.86 44.21 15.01
CA PHE B 288 -16.74 42.76 14.68
C PHE B 288 -15.31 42.40 14.25
N CYS B 289 -14.83 41.24 14.68
CA CYS B 289 -13.46 40.72 14.40
C CYS B 289 -13.54 39.41 13.60
N LEU B 290 -13.09 39.47 12.34
CA LEU B 290 -13.24 38.40 11.33
C LEU B 290 -12.32 37.23 11.67
N PHE B 291 -11.10 37.51 12.14
CA PHE B 291 -10.07 36.51 12.49
C PHE B 291 -10.06 36.22 13.99
N LYS B 292 -11.18 36.41 14.68
CA LYS B 292 -11.33 36.01 16.11
C LYS B 292 -12.64 35.24 16.25
N SER B 293 -12.69 34.27 17.16
CA SER B 293 -13.83 33.32 17.29
C SER B 293 -14.32 33.31 18.73
N GLU B 294 -15.64 33.20 18.93
CA GLU B 294 -16.26 32.98 20.25
C GLU B 294 -15.69 31.71 20.88
N THR B 295 -15.64 30.61 20.11
CA THR B 295 -14.93 29.35 20.43
C THR B 295 -13.53 29.44 19.82
N LYS B 296 -13.20 28.59 18.83
CA LYS B 296 -11.81 28.54 18.30
C LYS B 296 -11.80 28.15 16.82
N ASN B 297 -11.12 28.96 16.00
CA ASN B 297 -10.68 28.64 14.61
C ASN B 297 -11.92 28.45 13.69
N LEU B 298 -12.82 29.42 13.76
CA LEU B 298 -14.09 29.48 12.99
C LEU B 298 -13.91 30.31 11.72
N LEU B 299 -14.21 29.70 10.56
CA LEU B 299 -14.05 30.31 9.21
C LEU B 299 -12.56 30.49 8.92
N PHE B 300 -11.79 31.06 9.85
CA PHE B 300 -10.33 31.24 9.70
C PHE B 300 -9.66 30.84 10.99
N ASN B 301 -8.39 30.47 10.89
CA ASN B 301 -7.55 30.28 12.10
C ASN B 301 -7.41 31.63 12.84
N ASP B 302 -7.67 31.63 14.14
CA ASP B 302 -7.48 32.79 15.05
C ASP B 302 -6.08 33.40 14.90
N ASN B 303 -5.07 32.58 14.59
CA ASN B 303 -3.67 33.01 14.43
C ASN B 303 -3.47 33.79 13.11
N THR B 304 -4.54 34.07 12.35
CA THR B 304 -4.46 34.72 11.01
C THR B 304 -4.29 36.23 11.21
N GLU B 305 -3.32 36.83 10.51
CA GLU B 305 -3.14 38.30 10.47
C GLU B 305 -4.04 38.84 9.37
N CYS B 306 -3.75 38.46 8.13
CA CYS B 306 -4.55 38.82 6.93
C CYS B 306 -4.72 37.61 6.00
N LEU B 307 -5.62 37.71 5.04
CA LEU B 307 -5.59 36.94 3.78
C LEU B 307 -4.65 37.64 2.79
N ALA B 308 -3.62 36.94 2.31
CA ALA B 308 -2.60 37.41 1.35
C ALA B 308 -2.97 37.02 -0.09
N LYS B 309 -2.27 37.62 -1.07
CA LYS B 309 -2.42 37.36 -2.52
C LYS B 309 -1.53 36.16 -2.88
N LEU B 310 -1.66 35.66 -4.11
CA LEU B 310 -0.89 34.50 -4.65
C LEU B 310 -0.24 34.90 -5.97
N GLY B 311 0.80 34.19 -6.41
CA GLY B 311 1.52 34.49 -7.66
C GLY B 311 0.82 33.94 -8.89
N GLY B 312 0.48 34.82 -9.84
CA GLY B 312 0.11 34.53 -11.24
C GLY B 312 -1.08 33.60 -11.37
N ARG B 313 -2.14 33.80 -10.57
CA ARG B 313 -3.39 33.01 -10.60
C ARG B 313 -3.08 31.51 -10.58
N PRO B 314 -2.78 30.89 -9.42
CA PRO B 314 -2.29 29.50 -9.43
C PRO B 314 -3.43 28.47 -9.42
N THR B 315 -3.15 27.29 -9.98
CA THR B 315 -4.00 26.09 -9.86
C THR B 315 -3.94 25.64 -8.39
N TYR B 316 -4.94 24.90 -7.91
CA TYR B 316 -4.85 24.19 -6.62
C TYR B 316 -3.57 23.36 -6.57
N GLU B 317 -3.12 22.82 -7.70
CA GLU B 317 -1.87 22.01 -7.83
C GLU B 317 -0.67 22.89 -7.50
N GLU B 318 -0.51 23.98 -8.26
CA GLU B 318 0.59 24.96 -8.09
C GLU B 318 0.51 25.49 -6.67
N TYR B 319 -0.69 25.79 -6.16
CA TYR B 319 -0.83 26.30 -4.79
C TYR B 319 -0.29 25.27 -3.79
N LEU B 320 -0.74 24.01 -3.85
CA LEU B 320 -0.39 23.00 -2.81
C LEU B 320 1.05 22.50 -3.00
N GLY B 321 1.55 22.49 -4.25
CA GLY B 321 2.92 22.02 -4.57
C GLY B 321 2.94 20.61 -5.12
N THR B 322 3.74 20.36 -6.15
CA THR B 322 3.90 19.04 -6.84
C THR B 322 4.00 17.91 -5.80
N GLU B 323 4.78 18.13 -4.73
CA GLU B 323 5.24 17.05 -3.83
C GLU B 323 4.08 16.63 -2.94
N TYR B 324 3.36 17.60 -2.38
CA TYR B 324 2.21 17.35 -1.48
C TYR B 324 1.02 16.81 -2.30
N VAL B 325 0.93 17.23 -3.55
CA VAL B 325 -0.11 16.70 -4.48
C VAL B 325 0.16 15.20 -4.73
N THR B 326 1.42 14.77 -4.96
CA THR B 326 1.79 13.35 -5.20
C THR B 326 1.49 12.51 -3.95
N ALA B 327 1.87 13.00 -2.77
CA ALA B 327 1.58 12.36 -1.46
C ALA B 327 0.07 12.13 -1.26
N ILE B 328 -0.75 13.16 -1.48
CA ILE B 328 -2.23 13.01 -1.31
C ILE B 328 -2.71 11.96 -2.33
N ALA B 329 -2.35 12.09 -3.60
CA ALA B 329 -2.89 11.22 -4.68
C ALA B 329 -2.56 9.77 -4.30
N ASN B 330 -1.34 9.54 -3.82
CA ASN B 330 -0.77 8.23 -3.45
C ASN B 330 -1.59 7.65 -2.29
N LEU B 331 -1.86 8.45 -1.27
CA LEU B 331 -2.66 8.04 -0.07
C LEU B 331 -4.07 7.69 -0.53
N LYS B 332 -4.60 8.45 -1.48
CA LYS B 332 -6.01 8.35 -1.93
C LYS B 332 -6.22 7.14 -2.84
N LYS B 333 -5.15 6.54 -3.38
CA LYS B 333 -5.18 5.20 -4.03
C LYS B 333 -5.70 4.11 -3.06
N CYS B 334 -5.66 4.34 -1.75
CA CYS B 334 -6.05 3.39 -0.67
C CYS B 334 -7.52 3.54 -0.28
N SER B 335 -8.20 4.58 -0.78
CA SER B 335 -9.58 4.94 -0.36
C SER B 335 -10.47 5.11 -1.58
N THR B 336 -11.74 5.34 -1.32
CA THR B 336 -12.81 5.65 -2.30
C THR B 336 -13.51 6.90 -1.75
N SER B 337 -13.62 7.96 -2.55
CA SER B 337 -14.42 9.17 -2.21
C SER B 337 -15.54 9.30 -3.22
N PRO B 338 -16.81 9.22 -2.77
CA PRO B 338 -17.96 9.52 -3.62
C PRO B 338 -17.92 10.94 -4.20
N LEU B 339 -17.45 11.92 -3.42
CA LEU B 339 -17.33 13.31 -3.90
C LEU B 339 -16.36 13.36 -5.08
N LEU B 340 -15.16 12.81 -4.90
CA LEU B 340 -14.10 12.85 -5.96
C LEU B 340 -14.60 12.09 -7.19
N GLU B 341 -15.39 11.04 -6.98
CA GLU B 341 -15.89 10.16 -8.08
C GLU B 341 -16.92 10.95 -8.86
N ALA B 342 -17.93 11.51 -8.20
CA ALA B 342 -18.88 12.47 -8.79
C ALA B 342 -18.12 13.54 -9.61
N CYS B 343 -17.10 14.17 -9.03
CA CYS B 343 -16.45 15.38 -9.60
C CYS B 343 -15.69 14.96 -10.86
N ALA B 344 -15.03 13.81 -10.85
CA ALA B 344 -14.37 13.17 -12.01
C ALA B 344 -15.40 12.97 -13.12
N PHE B 345 -16.61 12.58 -12.74
CA PHE B 345 -17.74 12.27 -13.65
C PHE B 345 -18.26 13.55 -14.31
N LEU B 346 -18.40 14.64 -13.54
CA LEU B 346 -19.05 15.92 -13.95
C LEU B 346 -18.05 17.10 -13.98
N THR B 347 -16.79 16.86 -14.37
CA THR B 347 -15.79 17.91 -14.74
C THR B 347 -14.93 17.46 -15.93
N ARG B 348 -14.90 16.15 -16.23
CA ARG B 348 -14.08 15.52 -17.31
C ARG B 348 -13.88 16.51 -18.47
C1 NAG C . -1.53 -44.24 -16.62
C2 NAG C . -2.88 -44.90 -16.33
C3 NAG C . -3.66 -45.23 -17.61
C4 NAG C . -3.52 -44.18 -18.72
C5 NAG C . -2.10 -43.63 -18.86
C6 NAG C . -2.00 -42.46 -19.84
C7 NAG C . -2.63 -46.18 -14.20
C8 NAG C . -2.50 -47.56 -13.60
N2 NAG C . -2.69 -46.13 -15.55
O3 NAG C . -5.07 -45.36 -17.29
O4 NAG C . -3.90 -44.79 -19.95
O5 NAG C . -1.66 -43.20 -17.58
O6 NAG C . -0.67 -41.96 -19.85
O7 NAG C . -2.69 -45.20 -13.48
C1 NAG C . -4.89 -43.97 -20.63
C2 NAG C . -4.81 -44.25 -22.15
C3 NAG C . -6.12 -43.91 -22.87
C4 NAG C . -7.39 -44.05 -22.02
C5 NAG C . -7.22 -43.37 -20.67
C6 NAG C . -8.53 -43.35 -19.87
C7 NAG C . -2.58 -44.09 -23.33
C8 NAG C . -1.55 -43.13 -23.88
N2 NAG C . -3.68 -43.54 -22.78
O3 NAG C . -6.24 -44.77 -24.02
O4 NAG C . -8.53 -43.48 -22.71
O5 NAG C . -6.18 -44.09 -20.00
O6 NAG C . -8.31 -43.71 -18.49
O7 NAG C . -2.38 -45.29 -23.41
C1 NAG D . 1.15 5.02 -10.92
C2 NAG D . 2.36 5.32 -11.79
C3 NAG D . 2.11 6.52 -12.72
C4 NAG D . 0.83 6.40 -13.55
C5 NAG D . -0.32 5.85 -12.68
C6 NAG D . -1.39 5.12 -13.45
C7 NAG D . 4.45 4.68 -10.72
C8 NAG D . 5.60 5.15 -9.89
N2 NAG D . 3.51 5.58 -10.94
O3 NAG D . 3.24 6.64 -13.60
O4 NAG D . 0.55 7.73 -14.09
O5 NAG D . 0.02 4.80 -11.78
O6 NAG D . -2.55 5.58 -12.79
O7 NAG D . 4.36 3.54 -11.16
C1 NAG D . -0.21 7.66 -15.32
C2 NAG D . -0.99 8.96 -15.53
C3 NAG D . -1.16 9.44 -16.99
C4 NAG D . -0.07 8.94 -17.92
C5 NAG D . 0.11 7.45 -17.71
C6 NAG D . 1.08 6.80 -18.70
C7 NAG D . -2.70 9.29 -13.78
C8 NAG D . -4.09 8.98 -13.27
N2 NAG D . -2.32 8.75 -14.95
O3 NAG D . -1.18 10.88 -17.05
O4 NAG D . -0.42 9.26 -19.29
O5 NAG D . 0.65 7.29 -16.39
O6 NAG D . 2.42 7.06 -18.30
O7 NAG D . -1.96 10.01 -13.12
C1 BMA D . 0.41 10.30 -19.88
C2 BMA D . 0.77 9.90 -21.34
C3 BMA D . 0.91 11.07 -22.29
C4 BMA D . -0.33 11.93 -22.08
C5 BMA D . -0.16 12.61 -20.72
C6 BMA D . -1.23 13.67 -20.44
O2 BMA D . -0.21 9.00 -21.88
O3 BMA D . 1.04 10.64 -23.66
O4 BMA D . -0.53 12.87 -23.15
O5 BMA D . -0.16 11.62 -19.68
O6 BMA D . -2.54 13.08 -20.38
C1 NAG E . 5.93 27.29 16.23
C2 NAG E . 6.87 28.19 15.47
C3 NAG E . 7.18 29.35 16.41
C4 NAG E . 5.93 30.08 16.90
C5 NAG E . 4.76 29.20 17.32
C6 NAG E . 3.42 29.90 17.04
C7 NAG E . 8.69 27.37 13.93
C8 NAG E . 10.02 26.64 13.91
N2 NAG E . 8.10 27.46 15.13
O3 NAG E . 7.97 30.34 15.74
O4 NAG E . 6.25 30.92 18.03
O5 NAG E . 4.73 27.94 16.64
O6 NAG E . 2.61 29.77 18.23
O7 NAG E . 8.22 27.84 12.89
C1 NAG E . 5.90 32.27 17.69
C2 NAG E . 5.57 33.13 18.90
C3 NAG E . 5.35 34.57 18.47
C4 NAG E . 6.57 35.11 17.74
C5 NAG E . 7.09 34.22 16.60
C6 NAG E . 8.62 34.32 16.44
C7 NAG E . 4.38 32.26 20.84
C8 NAG E . 3.07 32.18 21.56
N2 NAG E . 4.34 32.74 19.60
O3 NAG E . 5.10 35.38 19.62
O4 NAG E . 6.18 36.40 17.24
O5 NAG E . 6.92 32.82 16.83
O6 NAG E . 8.99 34.58 15.08
O7 NAG E . 5.43 31.95 21.39
C1 BMA E . 6.91 37.44 17.94
C2 BMA E . 8.27 37.65 17.20
C3 BMA E . 8.87 39.06 17.30
C4 BMA E . 7.72 40.06 17.21
C5 BMA E . 6.85 39.81 18.45
C6 BMA E . 5.91 40.94 18.82
O2 BMA E . 8.12 37.31 15.82
O3 BMA E . 9.85 39.29 16.28
O4 BMA E . 8.14 41.43 16.99
O5 BMA E . 6.10 38.62 18.16
O6 BMA E . 5.13 40.57 19.96
C1 MAN E . 9.24 41.85 17.82
C2 MAN E . 9.18 43.38 17.94
C3 MAN E . 9.67 44.06 16.67
C4 MAN E . 10.30 43.11 15.63
C5 MAN E . 11.16 42.01 16.26
C6 MAN E . 12.52 42.52 16.72
O2 MAN E . 9.93 43.86 19.08
O3 MAN E . 10.61 45.09 17.01
O4 MAN E . 9.28 42.53 14.81
O5 MAN E . 10.53 41.36 17.39
O6 MAN E . 13.56 41.98 15.90
C1 NAG F . -20.34 47.02 0.57
C2 NAG F . -19.54 48.01 1.42
C3 NAG F . -19.63 49.40 0.87
C4 NAG F . -19.23 49.44 -0.60
C5 NAG F . -19.64 48.22 -1.45
C6 NAG F . -18.58 47.95 -2.52
C7 NAG F . -19.45 47.25 3.73
C8 NAG F . -20.07 47.32 5.10
N2 NAG F . -20.01 48.02 2.80
O3 NAG F . -18.73 50.23 1.61
O4 NAG F . -19.86 50.60 -1.17
O5 NAG F . -19.81 46.98 -0.75
O6 NAG F . -19.25 47.47 -3.68
O7 NAG F . -18.51 46.52 3.45
C1 NAG F . -18.86 51.57 -1.48
C2 NAG F . -19.31 52.37 -2.70
C3 NAG F . -18.27 53.46 -2.98
C4 NAG F . -18.19 54.36 -1.75
C5 NAG F . -17.67 53.51 -0.58
C6 NAG F . -17.54 54.31 0.70
C7 NAG F . -20.79 51.14 -4.23
C8 NAG F . -20.88 50.48 -5.59
N2 NAG F . -19.56 51.54 -3.88
O3 NAG F . -18.59 54.24 -4.14
O4 NAG F . -17.39 55.53 -1.99
O5 NAG F . -18.56 52.41 -0.34
O6 NAG F . -17.62 53.40 1.80
O7 NAG F . -21.79 51.33 -3.54
C1 NAG G . 17.88 -25.05 -20.55
C2 NAG G . 17.60 -24.55 -21.95
C3 NAG G . 18.71 -23.64 -22.45
C4 NAG G . 19.02 -22.52 -21.47
C5 NAG G . 18.96 -22.88 -19.98
C6 NAG G . 18.42 -21.68 -19.23
C7 NAG G . 16.26 -25.92 -23.40
C8 NAG G . 16.21 -27.07 -24.38
N2 NAG G . 17.43 -25.64 -22.87
O3 NAG G . 18.24 -22.95 -23.61
O4 NAG G . 20.32 -21.97 -21.80
O5 NAG G . 18.14 -23.99 -19.61
O6 NAG G . 19.54 -20.93 -18.79
O7 NAG G . 15.26 -25.29 -23.11
C1 NAG G . 20.12 -20.60 -22.19
C2 NAG G . 21.41 -19.86 -21.91
C3 NAG G . 21.31 -18.45 -22.42
C4 NAG G . 20.90 -18.35 -23.88
C5 NAG G . 19.72 -19.26 -24.24
C6 NAG G . 19.69 -19.58 -25.74
C7 NAG G . 22.84 -20.00 -19.94
C8 NAG G . 23.02 -19.37 -18.59
N2 NAG G . 21.68 -19.69 -20.51
O3 NAG G . 22.57 -17.81 -22.19
O4 NAG G . 20.58 -16.95 -24.06
O5 NAG G . 19.71 -20.52 -23.57
O6 NAG G . 18.64 -20.53 -26.00
O7 NAG G . 23.73 -20.67 -20.46
C1 BMA G . 21.01 -16.39 -25.33
C2 BMA G . 19.75 -15.76 -25.95
C3 BMA G . 20.08 -14.97 -27.21
C4 BMA G . 21.21 -13.98 -26.93
C5 BMA G . 22.45 -14.79 -26.48
C6 BMA G . 23.70 -13.96 -26.27
O2 BMA G . 19.09 -14.92 -25.01
O3 BMA G . 18.89 -14.27 -27.65
O4 BMA G . 21.38 -13.07 -28.06
O5 BMA G . 22.10 -15.45 -25.24
O6 BMA G . 24.56 -14.54 -25.27
C1 MAN G . 21.46 -13.67 -29.38
C2 MAN G . 21.84 -12.56 -30.38
C3 MAN G . 20.63 -11.71 -30.81
C4 MAN G . 19.31 -12.49 -30.96
C5 MAN G . 19.51 -14.01 -30.93
C6 MAN G . 20.09 -14.52 -32.26
O2 MAN G . 22.55 -13.12 -31.51
O3 MAN G . 20.90 -11.07 -32.08
O4 MAN G . 18.38 -12.11 -29.93
O5 MAN G . 20.29 -14.42 -29.81
O6 MAN G . 19.07 -14.56 -33.25
C1 MAN G . 20.91 -9.61 -32.02
C2 MAN G . 20.25 -9.07 -33.28
C3 MAN G . 21.16 -9.36 -34.48
C4 MAN G . 22.56 -8.81 -34.27
C5 MAN G . 23.16 -9.30 -32.94
C6 MAN G . 24.56 -8.66 -32.71
O2 MAN G . 20.05 -7.66 -33.10
O3 MAN G . 20.64 -8.81 -35.69
O4 MAN G . 23.36 -9.19 -35.41
O5 MAN G . 22.22 -9.02 -31.88
O6 MAN G . 25.21 -8.92 -31.45
C1 NAG H . 8.45 6.02 0.66
C2 NAG H . 8.92 7.35 0.10
C3 NAG H . 10.16 7.01 -0.72
C4 NAG H . 11.25 6.38 0.15
C5 NAG H . 10.73 5.19 0.97
C6 NAG H . 11.73 4.79 2.07
C7 NAG H . 7.40 9.20 -0.48
C8 NAG H . 6.33 9.71 -1.38
N2 NAG H . 7.93 7.99 -0.75
O3 NAG H . 10.60 8.19 -1.37
O4 NAG H . 12.21 5.88 -0.77
O5 NAG H . 9.44 5.48 1.54
O6 NAG H . 11.06 4.40 3.25
O7 NAG H . 7.76 9.84 0.49
C1 NAG H . 13.54 6.25 -0.43
C2 NAG H . 14.39 5.16 -1.11
C3 NAG H . 15.68 5.66 -1.77
C4 NAG H . 15.53 7.08 -2.28
C5 NAG H . 15.15 7.95 -1.08
C6 NAG H . 15.32 9.46 -1.31
C7 NAG H . 14.07 2.89 -0.18
C8 NAG H . 14.48 1.92 0.88
N2 NAG H . 14.66 4.10 -0.14
O3 NAG H . 16.01 4.80 -2.86
O4 NAG H . 16.71 7.52 -2.96
O5 NAG H . 13.79 7.62 -0.78
O6 NAG H . 14.46 9.96 -2.33
O7 NAG H . 13.25 2.57 -1.04
FE FE I . 7.00 -24.12 -11.68
C CO3 J . 7.71 -25.67 -10.00
O1 CO3 J . 7.82 -24.40 -9.81
O2 CO3 J . 7.27 -26.09 -11.14
O3 CO3 J . 8.06 -26.52 -9.07
FE FE K . -4.47 22.39 8.21
C CO3 L . -4.78 20.34 9.32
O1 CO3 L . -3.73 20.53 8.63
O2 CO3 L . -5.68 21.29 9.43
O3 CO3 L . -4.95 19.20 9.86
#